data_7SNZ
#
_entry.id   7SNZ
#
_cell.length_a   161.909
_cell.length_b   72.527
_cell.length_c   108.950
_cell.angle_alpha   90.000
_cell.angle_beta   100.460
_cell.angle_gamma   90.000
#
_symmetry.space_group_name_H-M   'C 1 2 1'
#
loop_
_entity.id
_entity.type
_entity.pdbx_description
1 polymer 'Reverse transcriptase p66'
2 polymer 'p51 RT'
3 non-polymer (4R)-6-{[2-(4-cyanoanilino)pyrimidin-4-yl]amino}-5,7-dimethylindolizine-2-carbonitrile
4 non-polymer 'SULFATE ION'
5 non-polymer 'MAGNESIUM ION'
6 non-polymer 1,4-DIAMINOBUTANE
7 water water
#
loop_
_entity_poly.entity_id
_entity_poly.type
_entity_poly.pdbx_seq_one_letter_code
_entity_poly.pdbx_strand_id
1 'polypeptide(L)'
;MVPISPIETVPVKLKPGMDGPKVKQWPLTEEKIKALVEICTEMEKEGKISKIGPENPYNTPVFAIKKKDSTKWRKLVDFR
ELNKRTQDFWEVQLGIPHPAGLKKKKSVTVLDVGDAYFSVPLDEDFRKYTAFTIPSINNETPGIRYQYNVLPQGWKGSPA
IFQSSMTKILEPFAAQNPDIVIYQYMDDLYVGSDLEIGQHRTKIEELRQHLLRWGLTTPDKKHQKEPPFLWMGYELHPDK
WTVQPIVLPEKDSWTVNDIQKLVGKLNWASQIYPGIKVRQLSKLLRGTKALTEVIPLTEEAELELAENREILKEPVHGVY
YDPSKDLIAEIQKQGQGQWTYQIYQEPFKNLKTGKYARMRGAHTNDVKQLTEAVQKITTESIVIWGKTPKFKLPIQKETW
ETWWTEYWQATWIPEWEFVNTPPLVKLWYQLEKEPIVGAETFYVDGAANRETKLGKAGYVTNKGRQKVVPLTNTTNQKTE
LQAIYLALQDSGLEVNIVTDSQYALGIIQAQPDKSESELVNQIIEQLIKKEKVYLAWVPAHKGIGGNEQVDKLVSAG
;
A
2 'polypeptide(L)'
;PISPIETVPVKLKPGMDGPKVKQWPLTEEKIKALVEICTEMEKEGKISKIGPENPYNTPVFAIKKKDSTKWRKLVDFREL
NKRTQDFWEVQLGIPHPAGLKKKKSVTVLDVGDAYFSVPLDEDFRKYTAFTIPSINNETPGIRYQYNVLPQGWKGSPAIF
QSSMTKILEPFKKQNPDIVIYQYMDDLYVGSDLEIGQHRTKIEELRQHLLRWGLTTPDKKHQKEPPFLWMGYELHPDKWT
VQPIVLPEKDSWTVNDIQKLVGKLNWASQIYPGIKVRQLSKLLRGTKALTEVIPLTEEAELELAENREILKEPVHGVYYD
PSKDLIAEIQKQGQGQWTYQIYQEPFKNLKTGKYARMRGAHTNDVKQLTEAVQKITTESIVIWGKTPKFKLPIQKETWET
WWTEYWQATWIPEWEFVNTPPLVKLWYQ
;
B
#
loop_
_chem_comp.id
_chem_comp.type
_chem_comp.name
_chem_comp.formula
9WI non-polymer (4R)-6-{[2-(4-cyanoanilino)pyrimidin-4-yl]amino}-5,7-dimethylindolizine-2-carbonitrile 'C22 H17 N7'
MG non-polymer 'MAGNESIUM ION' 'Mg 2'
PUT non-polymer 1,4-DIAMINOBUTANE 'C4 H12 N2'
SO4 non-polymer 'SULFATE ION' 'O4 S -2'
#
# COMPACT_ATOMS: atom_id res chain seq x y z
N MET A 1 44.56 34.33 -2.79
CA MET A 1 43.19 33.90 -2.46
C MET A 1 42.56 33.16 -3.63
N VAL A 2 42.40 31.85 -3.47
CA VAL A 2 41.66 31.04 -4.45
C VAL A 2 40.18 31.16 -4.17
N PRO A 3 39.43 31.78 -5.10
CA PRO A 3 38.00 32.01 -4.89
C PRO A 3 37.24 30.71 -4.70
N ILE A 4 36.40 30.65 -3.69
CA ILE A 4 35.60 29.47 -3.44
C ILE A 4 34.14 29.76 -3.79
N SER A 5 33.45 28.77 -4.32
CA SER A 5 32.04 28.93 -4.62
C SER A 5 31.29 28.97 -3.31
N PRO A 6 30.27 29.85 -3.23
CA PRO A 6 29.44 29.86 -2.04
C PRO A 6 28.48 28.67 -2.03
N ILE A 7 28.04 28.29 -0.84
CA ILE A 7 27.03 27.26 -0.72
C ILE A 7 25.69 27.96 -0.58
N GLU A 8 24.78 27.71 -1.51
CA GLU A 8 23.49 28.40 -1.48
C GLU A 8 22.72 27.96 -0.25
N THR A 9 22.13 28.95 0.43
CA THR A 9 21.40 28.67 1.66
C THR A 9 20.02 28.10 1.34
N VAL A 10 19.45 27.40 2.31
CA VAL A 10 18.10 26.88 2.19
C VAL A 10 17.13 27.84 2.87
N PRO A 11 16.11 28.31 2.15
CA PRO A 11 15.13 29.18 2.81
C PRO A 11 14.37 28.43 3.90
N VAL A 12 14.36 29.00 5.11
CA VAL A 12 13.74 28.33 6.24
C VAL A 12 12.68 29.23 6.84
N LYS A 13 11.55 28.66 7.21
CA LYS A 13 10.51 29.40 7.87
C LYS A 13 10.07 28.67 9.13
N LEU A 14 9.45 29.42 10.04
CA LEU A 14 8.82 28.80 11.19
C LEU A 14 7.50 28.21 10.72
N LYS A 15 6.99 27.24 11.47
CA LYS A 15 5.64 26.75 11.23
C LYS A 15 4.69 27.94 11.21
N PRO A 16 3.73 27.93 10.27
CA PRO A 16 2.84 29.10 10.09
C PRO A 16 2.13 29.48 11.38
N GLY A 17 2.02 30.79 11.62
CA GLY A 17 1.35 31.31 12.80
C GLY A 17 2.17 31.22 14.07
N MET A 18 3.35 30.64 13.97
CA MET A 18 4.25 30.54 15.12
C MET A 18 5.38 31.57 15.04
N ASP A 19 5.75 32.08 16.21
CA ASP A 19 6.84 33.04 16.30
C ASP A 19 8.08 32.32 16.82
N GLY A 20 9.20 33.03 16.88
CA GLY A 20 10.43 32.45 17.36
C GLY A 20 10.36 32.12 18.84
N PRO A 21 11.40 31.44 19.35
CA PRO A 21 11.43 31.06 20.76
C PRO A 21 11.71 32.28 21.65
N LYS A 22 11.04 32.36 22.79
CA LYS A 22 11.48 33.28 23.82
C LYS A 22 11.58 32.51 25.13
N VAL A 23 12.81 32.25 25.55
CA VAL A 23 13.06 31.35 26.68
C VAL A 23 14.13 31.93 27.59
N LYS A 24 13.85 31.95 28.89
CA LYS A 24 14.75 32.55 29.87
C LYS A 24 16.05 31.78 29.98
N GLN A 25 17.17 32.50 29.96
CA GLN A 25 18.48 31.91 30.16
C GLN A 25 18.68 31.55 31.63
N TRP A 26 19.13 30.32 31.89
CA TRP A 26 19.37 29.85 33.24
C TRP A 26 20.52 30.58 33.91
N PRO A 27 20.45 30.74 35.24
CA PRO A 27 21.62 31.22 35.97
C PRO A 27 22.75 30.21 35.88
N LEU A 28 23.96 30.69 35.62
CA LEU A 28 25.11 29.81 35.50
C LEU A 28 26.21 30.22 36.47
N THR A 29 27.03 29.25 36.86
CA THR A 29 28.17 29.52 37.72
C THR A 29 29.17 30.40 36.99
N GLU A 30 29.96 31.16 37.75
CA GLU A 30 30.95 32.07 37.19
C GLU A 30 31.93 31.30 36.31
N GLU A 31 32.31 30.12 36.79
CA GLU A 31 33.17 29.19 36.06
C GLU A 31 32.62 28.87 34.66
N LYS A 32 31.38 28.40 34.64
CA LYS A 32 30.70 28.06 33.39
C LYS A 32 30.57 29.26 32.46
N ILE A 33 30.35 30.44 33.03
CA ILE A 33 30.21 31.65 32.24
C ILE A 33 31.54 32.04 31.58
N LYS A 34 32.65 31.98 32.33
CA LYS A 34 33.97 32.27 31.76
C LYS A 34 34.26 31.29 30.62
N ALA A 35 33.99 30.02 30.89
CA ALA A 35 34.17 28.97 29.88
C ALA A 35 33.40 29.31 28.60
N LEU A 36 32.10 29.59 28.76
CA LEU A 36 31.24 29.90 27.62
C LEU A 36 31.73 31.13 26.87
N VAL A 37 32.24 32.12 27.60
CA VAL A 37 32.77 33.32 26.96
C VAL A 37 33.96 32.95 26.08
N GLU A 38 34.85 32.12 26.60
CA GLU A 38 36.01 31.70 25.82
C GLU A 38 35.58 30.95 24.55
N ILE A 39 34.77 29.91 24.75
CA ILE A 39 34.26 29.11 23.63
C ILE A 39 33.62 29.98 22.55
N CYS A 40 32.70 30.86 22.96
CA CYS A 40 32.00 31.71 22.01
C CYS A 40 32.91 32.76 21.37
N THR A 41 34.01 33.08 22.04
CA THR A 41 34.99 33.99 21.45
C THR A 41 35.65 33.28 20.28
N GLU A 42 36.05 32.02 20.51
CA GLU A 42 36.62 31.20 19.45
C GLU A 42 35.63 31.03 18.28
N MET A 43 34.40 30.63 18.60
CA MET A 43 33.37 30.43 17.58
C MET A 43 33.12 31.71 16.77
N GLU A 44 33.00 32.84 17.45
CA GLU A 44 32.82 34.12 16.77
C GLU A 44 33.98 34.41 15.85
N LYS A 45 35.19 34.13 16.33
CA LYS A 45 36.40 34.35 15.55
C LYS A 45 36.38 33.50 14.29
N GLU A 46 35.79 32.31 14.39
CA GLU A 46 35.70 31.39 13.25
C GLU A 46 34.53 31.72 12.32
N GLY A 47 33.66 32.63 12.73
CA GLY A 47 32.53 33.04 11.90
C GLY A 47 31.25 32.25 12.12
N LYS A 48 31.28 31.28 13.03
CA LYS A 48 30.12 30.44 13.30
C LYS A 48 28.98 31.21 13.96
N ILE A 49 29.32 32.21 14.77
CA ILE A 49 28.33 33.05 15.42
C ILE A 49 28.68 34.53 15.31
N SER A 50 27.72 35.39 15.63
CA SER A 50 27.95 36.84 15.63
C SER A 50 27.22 37.53 16.78
N LYS A 51 27.89 38.48 17.41
CA LYS A 51 27.27 39.30 18.45
C LYS A 51 26.14 40.12 17.87
N ILE A 52 25.03 40.20 18.60
CA ILE A 52 23.86 40.93 18.13
C ILE A 52 23.47 42.01 19.13
N GLY A 53 22.79 43.03 18.63
CA GLY A 53 22.34 44.14 19.46
C GLY A 53 21.18 43.76 20.37
N PRO A 54 20.63 44.75 21.09
CA PRO A 54 19.52 44.60 22.03
C PRO A 54 18.16 44.38 21.36
N GLU A 55 18.06 44.68 20.07
CA GLU A 55 16.79 44.64 19.36
C GLU A 55 16.14 43.25 19.33
N ASN A 56 16.95 42.22 19.06
CA ASN A 56 16.46 40.86 18.91
C ASN A 56 15.72 40.38 20.17
N PRO A 57 14.41 40.13 20.05
CA PRO A 57 13.53 39.66 21.12
C PRO A 57 13.72 38.19 21.50
N TYR A 58 14.30 37.40 20.60
CA TYR A 58 14.34 35.95 20.74
C TYR A 58 15.45 35.45 21.66
N ASN A 59 15.23 34.30 22.28
CA ASN A 59 16.29 33.69 23.08
C ASN A 59 16.17 32.18 23.20
N THR A 60 17.33 31.53 23.27
CA THR A 60 17.40 30.09 23.48
C THR A 60 18.44 29.82 24.56
N PRO A 61 18.15 28.91 25.49
CA PRO A 61 19.07 28.68 26.61
C PRO A 61 20.39 28.06 26.19
N VAL A 62 21.46 28.49 26.84
CA VAL A 62 22.78 27.92 26.62
C VAL A 62 23.27 27.28 27.93
N PHE A 63 24.07 26.22 27.79
CA PHE A 63 24.54 25.44 28.92
C PHE A 63 26.02 25.16 28.77
N ALA A 64 26.69 24.95 29.89
CA ALA A 64 28.08 24.53 29.88
C ALA A 64 28.18 23.18 30.58
N ILE A 65 28.82 22.22 29.91
CA ILE A 65 28.95 20.89 30.47
C ILE A 65 30.40 20.43 30.45
N LYS A 66 30.84 19.78 31.52
CA LYS A 66 32.17 19.18 31.56
C LYS A 66 32.28 18.21 30.39
N LYS A 67 33.30 18.41 29.56
CA LYS A 67 33.39 17.73 28.27
C LYS A 67 33.60 16.23 28.41
N LYS A 68 33.31 15.50 27.33
CA LYS A 68 33.68 14.09 27.25
C LYS A 68 35.19 13.98 27.46
N ASP A 69 35.92 14.97 26.95
CA ASP A 69 37.33 15.13 27.26
C ASP A 69 37.49 15.52 28.73
N SER A 70 38.46 14.90 29.41
CA SER A 70 38.65 15.08 30.85
C SER A 70 38.73 16.55 31.28
N THR A 71 39.64 17.30 30.67
CA THR A 71 39.72 18.73 30.98
C THR A 71 39.31 19.59 29.79
N LYS A 72 38.13 20.17 29.89
CA LYS A 72 37.56 21.08 28.87
C LYS A 72 36.14 21.44 29.27
N TRP A 73 35.62 22.49 28.65
CA TRP A 73 34.20 22.79 28.76
C TRP A 73 33.56 22.69 27.38
N ARG A 74 32.31 22.25 27.35
CA ARG A 74 31.58 22.11 26.11
C ARG A 74 30.32 22.96 26.15
N LYS A 75 30.05 23.66 25.05
CA LYS A 75 28.84 24.48 24.94
C LYS A 75 27.67 23.68 24.39
N LEU A 76 26.58 23.66 25.14
CA LEU A 76 25.37 23.00 24.68
C LEU A 76 24.22 24.00 24.57
N VAL A 77 23.81 24.31 23.36
CA VAL A 77 22.64 25.15 23.16
C VAL A 77 21.42 24.25 23.11
N ASP A 78 20.38 24.58 23.87
CA ASP A 78 19.21 23.71 23.93
C ASP A 78 18.10 24.25 23.04
N PHE A 79 17.94 23.60 21.89
CA PHE A 79 17.07 24.07 20.82
C PHE A 79 15.67 23.45 20.79
N ARG A 80 15.32 22.70 21.84
CA ARG A 80 14.02 22.02 21.89
C ARG A 80 12.86 22.96 21.53
N GLU A 81 12.87 24.16 22.08
CA GLU A 81 11.81 25.12 21.81
C GLU A 81 11.82 25.58 20.35
N LEU A 82 12.98 25.99 19.84
CA LEU A 82 13.08 26.41 18.44
C LEU A 82 12.70 25.26 17.51
N ASN A 83 13.12 24.05 17.87
CA ASN A 83 12.78 22.86 17.11
C ASN A 83 11.27 22.66 17.04
N LYS A 84 10.58 22.85 18.16
CA LYS A 84 9.12 22.78 18.15
C LYS A 84 8.48 23.75 17.15
N ARG A 85 9.09 24.92 16.97
CA ARG A 85 8.50 25.96 16.13
C ARG A 85 9.06 25.99 14.71
N THR A 86 9.96 25.06 14.41
CA THR A 86 10.61 25.01 13.11
C THR A 86 9.86 24.10 12.15
N GLN A 87 9.75 24.52 10.90
CA GLN A 87 9.06 23.77 9.86
C GLN A 87 9.59 22.34 9.72
N ASP A 88 8.72 21.43 9.31
CA ASP A 88 9.15 20.11 8.89
C ASP A 88 10.04 20.21 7.66
N PHE A 89 10.95 19.25 7.53
CA PHE A 89 11.85 19.21 6.38
C PHE A 89 11.69 17.89 5.66
N TRP A 90 12.16 17.82 4.43
CA TRP A 90 12.30 16.54 3.78
C TRP A 90 13.43 15.78 4.46
N GLU A 91 13.13 14.60 4.99
CA GLU A 91 14.16 13.79 5.63
C GLU A 91 14.57 12.67 4.69
N VAL A 92 15.78 12.77 4.16
CA VAL A 92 16.30 11.80 3.19
C VAL A 92 16.86 10.57 3.91
N GLN A 93 16.99 10.66 5.23
CA GLN A 93 17.54 9.57 6.03
C GLN A 93 16.52 8.44 6.25
N LEU A 94 15.28 8.66 5.83
CA LEU A 94 14.24 7.65 5.99
C LEU A 94 14.46 6.47 5.05
N GLY A 95 14.12 5.27 5.51
CA GLY A 95 14.25 4.08 4.69
C GLY A 95 15.70 3.70 4.39
N ILE A 96 16.48 3.45 5.43
CA ILE A 96 17.92 3.20 5.29
C ILE A 96 18.24 2.04 4.33
N PRO A 97 19.43 2.08 3.71
CA PRO A 97 19.84 0.99 2.81
C PRO A 97 19.91 -0.36 3.51
N HIS A 98 19.55 -1.44 2.82
CA HIS A 98 19.78 -2.75 3.40
C HIS A 98 21.03 -3.37 2.82
N PRO A 99 21.93 -3.83 3.70
CA PRO A 99 23.24 -4.38 3.28
C PRO A 99 23.14 -5.41 2.16
N ALA A 100 22.04 -6.16 2.09
CA ALA A 100 21.90 -7.22 1.09
C ALA A 100 21.69 -6.64 -0.30
N GLY A 101 21.44 -5.33 -0.38
CA GLY A 101 21.27 -4.67 -1.66
C GLY A 101 22.55 -4.04 -2.16
N LEU A 102 23.50 -3.87 -1.25
CA LEU A 102 24.78 -3.25 -1.60
C LEU A 102 25.53 -4.11 -2.60
N LYS A 103 26.45 -3.49 -3.33
CA LYS A 103 27.33 -4.21 -4.24
C LYS A 103 28.70 -4.36 -3.59
N LYS A 104 29.38 -5.47 -3.82
CA LYS A 104 30.71 -5.64 -3.24
C LYS A 104 31.68 -4.66 -3.84
N LYS A 105 32.57 -4.13 -3.00
CA LYS A 105 33.53 -3.13 -3.42
C LYS A 105 34.95 -3.59 -3.09
N LYS A 106 35.87 -3.39 -4.03
CA LYS A 106 37.27 -3.74 -3.79
C LYS A 106 37.92 -2.79 -2.76
N SER A 107 37.49 -1.53 -2.74
CA SER A 107 38.04 -0.56 -1.79
C SER A 107 36.94 0.37 -1.28
N VAL A 108 36.99 0.71 0.01
CA VAL A 108 36.08 1.69 0.58
C VAL A 108 36.83 2.63 1.52
N THR A 109 36.84 3.92 1.17
CA THR A 109 37.58 4.92 1.94
C THR A 109 36.64 5.85 2.71
N VAL A 110 37.07 6.28 3.88
CA VAL A 110 36.31 7.26 4.66
C VAL A 110 36.99 8.63 4.63
N LEU A 111 36.17 9.68 4.51
CA LEU A 111 36.65 11.05 4.49
C LEU A 111 35.87 11.90 5.49
N ASP A 112 36.56 12.53 6.43
CA ASP A 112 35.87 13.31 7.44
C ASP A 112 35.49 14.67 6.86
N VAL A 113 34.19 14.90 6.76
CA VAL A 113 33.64 16.16 6.28
C VAL A 113 33.17 17.06 7.43
N GLY A 114 33.50 16.67 8.66
CA GLY A 114 33.14 17.45 9.83
C GLY A 114 33.42 18.95 9.74
N ASP A 115 34.51 19.34 9.09
CA ASP A 115 34.83 20.76 8.91
C ASP A 115 33.91 21.42 7.88
N ALA A 116 33.44 20.64 6.91
CA ALA A 116 32.56 21.15 5.87
C ALA A 116 31.20 21.55 6.44
N TYR A 117 30.82 20.91 7.54
CA TYR A 117 29.55 21.19 8.20
C TYR A 117 29.38 22.66 8.53
N PHE A 118 30.40 23.26 9.14
CA PHE A 118 30.31 24.64 9.57
C PHE A 118 30.60 25.62 8.43
N SER A 119 30.96 25.08 7.27
CA SER A 119 31.07 25.89 6.07
C SER A 119 29.68 26.15 5.47
N VAL A 120 28.67 25.47 6.02
CA VAL A 120 27.31 25.61 5.51
C VAL A 120 26.59 26.74 6.23
N PRO A 121 26.25 27.80 5.49
CA PRO A 121 25.60 28.97 6.08
C PRO A 121 24.13 28.75 6.42
N LEU A 122 23.68 29.39 7.49
CA LEU A 122 22.28 29.38 7.88
C LEU A 122 21.56 30.49 7.14
N ASP A 123 20.31 30.24 6.76
CA ASP A 123 19.49 31.22 6.08
C ASP A 123 19.47 32.53 6.86
N GLU A 124 19.74 33.62 6.16
CA GLU A 124 19.92 34.92 6.80
C GLU A 124 18.73 35.35 7.66
N ASP A 125 17.53 35.29 7.08
CA ASP A 125 16.34 35.74 7.77
C ASP A 125 15.97 34.86 8.96
N PHE A 126 16.51 33.65 9.01
CA PHE A 126 16.20 32.75 10.11
C PHE A 126 17.15 32.88 11.30
N ARG A 127 18.31 33.50 11.08
CA ARG A 127 19.38 33.49 12.07
C ARG A 127 18.95 34.10 13.40
N LYS A 128 18.16 35.18 13.33
CA LYS A 128 17.66 35.86 14.50
C LYS A 128 16.94 34.92 15.49
N TYR A 129 16.30 33.89 14.96
CA TYR A 129 15.58 32.93 15.79
C TYR A 129 16.51 32.05 16.62
N THR A 130 17.80 32.04 16.27
CA THR A 130 18.80 31.22 16.95
C THR A 130 19.53 31.98 18.07
N ALA A 131 19.11 33.22 18.34
CA ALA A 131 19.76 34.05 19.35
C ALA A 131 19.86 33.37 20.71
N PHE A 132 21.01 33.55 21.36
CA PHE A 132 21.20 33.08 22.73
C PHE A 132 22.03 34.08 23.55
N THR A 133 21.98 33.93 24.87
CA THR A 133 22.60 34.89 25.78
C THR A 133 23.54 34.22 26.78
N ILE A 134 24.80 34.63 26.77
CA ILE A 134 25.70 34.29 27.86
C ILE A 134 25.41 35.21 29.02
N PRO A 135 25.04 34.64 30.19
CA PRO A 135 24.76 35.50 31.33
C PRO A 135 26.04 36.18 31.79
N SER A 136 25.96 37.44 32.21
CA SER A 136 27.15 38.17 32.64
C SER A 136 27.58 37.76 34.04
N ILE A 137 28.86 38.01 34.36
CA ILE A 137 29.36 37.77 35.70
C ILE A 137 28.58 38.60 36.73
N ASN A 138 28.02 37.93 37.74
CA ASN A 138 27.24 38.55 38.81
C ASN A 138 26.02 39.33 38.32
N ASN A 139 25.56 39.04 37.10
CA ASN A 139 24.42 39.73 36.48
C ASN A 139 24.49 41.26 36.50
N GLU A 140 25.70 41.82 36.49
CA GLU A 140 25.84 43.28 36.61
C GLU A 140 26.05 44.01 35.28
N THR A 141 26.11 43.24 34.18
CA THR A 141 26.17 43.82 32.84
C THR A 141 25.17 43.10 31.94
N PRO A 142 24.83 43.70 30.79
CA PRO A 142 24.02 42.95 29.82
C PRO A 142 24.73 41.69 29.37
N GLY A 143 24.02 40.57 29.32
CA GLY A 143 24.61 39.34 28.85
C GLY A 143 25.12 39.49 27.44
N ILE A 144 26.04 38.62 27.03
CA ILE A 144 26.55 38.70 25.67
C ILE A 144 25.59 37.97 24.72
N ARG A 145 25.07 38.71 23.74
CA ARG A 145 24.06 38.21 22.82
C ARG A 145 24.66 37.73 21.50
N TYR A 146 24.40 36.47 21.14
CA TYR A 146 24.91 35.92 19.88
C TYR A 146 23.81 35.31 19.03
N GLN A 147 24.05 35.22 17.72
CA GLN A 147 23.19 34.42 16.83
C GLN A 147 24.07 33.60 15.90
N TYR A 148 23.52 32.50 15.38
CA TYR A 148 24.28 31.60 14.52
C TYR A 148 24.31 32.04 13.07
N ASN A 149 25.47 31.92 12.43
CA ASN A 149 25.57 32.08 10.99
C ASN A 149 25.62 30.75 10.24
N VAL A 150 25.70 29.66 10.99
CA VAL A 150 25.84 28.34 10.39
C VAL A 150 24.85 27.38 11.03
N LEU A 151 24.67 26.21 10.43
CA LEU A 151 23.75 25.21 10.99
C LEU A 151 24.19 24.84 12.39
N PRO A 152 23.35 25.14 13.39
CA PRO A 152 23.67 24.83 14.78
C PRO A 152 23.49 23.35 15.08
N GLN A 153 24.39 22.77 15.86
CA GLN A 153 24.24 21.41 16.34
C GLN A 153 23.00 21.32 17.20
N GLY A 154 22.17 20.31 16.95
CA GLY A 154 20.96 20.13 17.72
C GLY A 154 19.74 20.83 17.17
N TRP A 155 19.92 21.72 16.20
CA TRP A 155 18.76 22.37 15.58
C TRP A 155 18.06 21.39 14.66
N LYS A 156 16.75 21.57 14.51
CA LYS A 156 15.92 20.62 13.77
C LYS A 156 16.37 20.45 12.31
N GLY A 157 16.63 21.56 11.64
CA GLY A 157 16.93 21.53 10.21
C GLY A 157 18.38 21.23 9.81
N SER A 158 19.26 21.05 10.78
CA SER A 158 20.68 20.92 10.46
C SER A 158 21.08 19.65 9.70
N PRO A 159 20.58 18.46 10.11
CA PRO A 159 20.99 17.28 9.34
C PRO A 159 20.48 17.27 7.89
N ALA A 160 19.22 17.66 7.67
CA ALA A 160 18.64 17.61 6.33
C ALA A 160 19.28 18.66 5.43
N ILE A 161 19.52 19.84 5.95
CA ILE A 161 20.14 20.90 5.17
C ILE A 161 21.60 20.57 4.88
N PHE A 162 22.29 20.01 5.87
CA PHE A 162 23.67 19.57 5.67
C PHE A 162 23.73 18.53 4.56
N GLN A 163 22.92 17.49 4.70
CA GLN A 163 22.86 16.41 3.72
C GLN A 163 22.53 16.91 2.32
N SER A 164 21.50 17.74 2.19
CA SER A 164 21.10 18.22 0.88
C SER A 164 22.17 19.15 0.26
N SER A 165 22.85 19.92 1.09
CA SER A 165 23.92 20.79 0.58
C SER A 165 25.11 19.96 0.08
N MET A 166 25.44 18.94 0.85
CA MET A 166 26.53 18.03 0.49
C MET A 166 26.19 17.25 -0.77
N THR A 167 24.97 16.74 -0.86
CA THR A 167 24.51 16.00 -2.03
C THR A 167 24.58 16.88 -3.27
N LYS A 168 24.07 18.10 -3.15
CA LYS A 168 24.10 19.04 -4.27
C LYS A 168 25.53 19.31 -4.71
N ILE A 169 26.45 19.43 -3.76
CA ILE A 169 27.85 19.62 -4.09
C ILE A 169 28.47 18.39 -4.77
N LEU A 170 28.08 17.20 -4.33
CA LEU A 170 28.69 15.96 -4.83
C LEU A 170 28.11 15.47 -6.16
N GLU A 171 26.91 15.91 -6.51
CA GLU A 171 26.19 15.39 -7.69
C GLU A 171 27.02 15.33 -8.98
N PRO A 172 27.63 16.47 -9.40
CA PRO A 172 28.41 16.38 -10.64
C PRO A 172 29.61 15.42 -10.55
N PHE A 173 30.22 15.33 -9.36
CA PHE A 173 31.34 14.41 -9.20
C PHE A 173 30.89 12.95 -9.33
N ALA A 174 29.75 12.62 -8.72
CA ALA A 174 29.23 11.26 -8.80
C ALA A 174 28.83 10.91 -10.23
N ALA A 175 28.08 11.80 -10.87
CA ALA A 175 27.56 11.55 -12.21
C ALA A 175 28.68 11.41 -13.26
N GLN A 176 29.79 12.10 -13.02
CA GLN A 176 30.92 12.04 -13.94
C GLN A 176 31.95 11.00 -13.50
N ASN A 177 31.63 10.28 -12.43
CA ASN A 177 32.44 9.14 -12.00
C ASN A 177 31.55 7.96 -11.62
N PRO A 178 30.90 7.35 -12.63
CA PRO A 178 29.96 6.24 -12.40
C PRO A 178 30.63 4.98 -11.85
N ASP A 179 31.96 4.93 -11.86
CA ASP A 179 32.68 3.75 -11.37
C ASP A 179 33.00 3.82 -9.87
N ILE A 180 32.46 4.82 -9.19
CA ILE A 180 32.51 4.83 -7.73
C ILE A 180 31.14 5.05 -7.12
N VAL A 181 31.01 4.72 -5.85
CA VAL A 181 29.82 5.05 -5.10
C VAL A 181 30.20 5.96 -3.94
N ILE A 182 29.28 6.85 -3.59
CA ILE A 182 29.50 7.78 -2.49
C ILE A 182 28.29 7.80 -1.59
N TYR A 183 28.54 7.76 -0.29
CA TYR A 183 27.46 7.68 0.69
C TYR A 183 27.80 8.53 1.91
N GLN A 184 26.86 9.35 2.36
CA GLN A 184 27.13 10.25 3.47
C GLN A 184 26.42 9.84 4.75
N TYR A 185 27.21 9.62 5.80
CA TYR A 185 26.66 9.27 7.10
C TYR A 185 27.34 10.08 8.20
N MET A 186 26.55 10.82 8.96
CA MET A 186 27.05 11.73 9.98
C MET A 186 28.08 12.70 9.37
N ASP A 187 29.26 12.75 10.00
CA ASP A 187 30.34 13.63 9.57
C ASP A 187 31.26 12.97 8.56
N ASP A 188 30.87 11.80 8.06
CA ASP A 188 31.74 11.06 7.15
C ASP A 188 31.16 10.82 5.76
N LEU A 189 32.04 10.92 4.77
CA LEU A 189 31.75 10.48 3.41
C LEU A 189 32.42 9.14 3.21
N TYR A 190 31.71 8.23 2.56
CA TYR A 190 32.27 6.92 2.26
C TYR A 190 32.32 6.75 0.76
N VAL A 191 33.50 6.44 0.23
CA VAL A 191 33.66 6.28 -1.20
C VAL A 191 34.13 4.88 -1.52
N GLY A 192 33.26 4.08 -2.14
CA GLY A 192 33.67 2.76 -2.57
C GLY A 192 33.95 2.69 -4.05
N SER A 193 34.74 1.70 -4.46
CA SER A 193 34.88 1.36 -5.87
C SER A 193 35.52 -0.01 -6.02
N ASP A 194 35.58 -0.48 -7.26
CA ASP A 194 36.29 -1.71 -7.61
C ASP A 194 37.64 -1.44 -8.25
N LEU A 195 38.03 -0.17 -8.34
CA LEU A 195 39.28 0.21 -9.00
C LEU A 195 40.50 -0.32 -8.25
N GLU A 196 41.64 -0.40 -8.95
CA GLU A 196 42.93 -0.67 -8.32
C GLU A 196 43.18 0.43 -7.28
N ILE A 197 43.81 0.07 -6.17
CA ILE A 197 43.97 1.00 -5.04
C ILE A 197 44.67 2.31 -5.42
N GLY A 198 45.51 2.26 -6.46
CA GLY A 198 46.13 3.46 -6.98
C GLY A 198 45.09 4.39 -7.58
N GLN A 199 44.34 3.87 -8.55
CA GLN A 199 43.25 4.61 -9.18
C GLN A 199 42.19 5.03 -8.15
N HIS A 200 42.00 4.21 -7.13
CA HIS A 200 41.06 4.53 -6.06
C HIS A 200 41.53 5.76 -5.29
N ARG A 201 42.77 5.73 -4.79
CA ARG A 201 43.33 6.86 -4.05
C ARG A 201 43.36 8.12 -4.93
N THR A 202 43.51 7.90 -6.24
CA THR A 202 43.45 8.96 -7.22
C THR A 202 42.08 9.62 -7.21
N LYS A 203 41.02 8.83 -7.40
CA LYS A 203 39.66 9.34 -7.38
C LYS A 203 39.35 10.03 -6.06
N ILE A 204 39.95 9.54 -4.97
CA ILE A 204 39.78 10.17 -3.67
C ILE A 204 40.40 11.57 -3.66
N GLU A 205 41.60 11.69 -4.21
CA GLU A 205 42.26 12.99 -4.27
C GLU A 205 41.47 13.95 -5.15
N GLU A 206 40.99 13.45 -6.27
CA GLU A 206 40.14 14.22 -7.15
C GLU A 206 38.91 14.74 -6.40
N LEU A 207 38.30 13.89 -5.58
CA LEU A 207 37.17 14.29 -4.77
C LEU A 207 37.55 15.37 -3.77
N ARG A 208 38.73 15.26 -3.16
CA ARG A 208 39.18 16.25 -2.20
C ARG A 208 39.38 17.62 -2.86
N GLN A 209 39.87 17.60 -4.10
CA GLN A 209 40.02 18.83 -4.88
C GLN A 209 38.66 19.44 -5.19
N HIS A 210 37.76 18.60 -5.69
CA HIS A 210 36.40 19.01 -6.01
C HIS A 210 35.77 19.69 -4.81
N LEU A 211 35.95 19.09 -3.63
CA LEU A 211 35.41 19.66 -2.40
C LEU A 211 36.09 20.99 -2.08
N LEU A 212 37.40 21.05 -2.34
CA LEU A 212 38.16 22.27 -2.12
C LEU A 212 37.59 23.45 -2.90
N ARG A 213 37.04 23.20 -4.08
CA ARG A 213 36.42 24.26 -4.87
C ARG A 213 35.33 25.02 -4.09
N TRP A 214 34.72 24.36 -3.10
CA TRP A 214 33.82 25.02 -2.16
C TRP A 214 34.51 25.40 -0.86
N GLY A 215 35.83 25.22 -0.82
CA GLY A 215 36.60 25.57 0.37
C GLY A 215 36.40 24.55 1.48
N LEU A 216 36.03 23.33 1.09
CA LEU A 216 35.83 22.26 2.06
C LEU A 216 37.11 21.45 2.20
N THR A 217 37.66 21.42 3.41
CA THR A 217 38.90 20.71 3.67
C THR A 217 38.66 19.39 4.39
N THR A 218 39.41 18.35 4.01
CA THR A 218 39.35 17.07 4.70
C THR A 218 40.69 16.79 5.35
N PRO A 219 40.68 16.10 6.51
CA PRO A 219 41.84 15.94 7.39
C PRO A 219 43.08 15.28 6.77
N ASP A 220 42.94 14.64 5.61
CA ASP A 220 44.05 14.01 4.92
C ASP A 220 44.71 12.93 5.78
N HIS A 223 42.15 8.10 7.83
CA HIS A 223 40.99 8.16 8.71
C HIS A 223 41.04 7.06 9.76
N GLN A 224 40.39 7.28 10.89
CA GLN A 224 40.32 6.29 11.96
C GLN A 224 39.53 5.06 11.54
N LYS A 225 38.45 5.29 10.79
CA LYS A 225 37.54 4.22 10.39
C LYS A 225 38.06 3.41 9.19
N GLU A 226 38.04 2.09 9.35
CA GLU A 226 38.39 1.18 8.27
C GLU A 226 37.56 -0.11 8.39
N PRO A 227 37.39 -0.85 7.28
CA PRO A 227 36.63 -2.11 7.32
C PRO A 227 37.14 -3.08 8.40
N PRO A 228 36.23 -3.78 9.10
CA PRO A 228 34.76 -3.72 8.96
C PRO A 228 34.12 -2.46 9.55
N PHE A 229 33.10 -1.94 8.87
CA PHE A 229 32.36 -0.81 9.40
C PHE A 229 31.24 -1.29 10.32
N LEU A 230 31.10 -0.64 11.46
CA LEU A 230 29.93 -0.86 12.31
C LEU A 230 28.91 0.20 11.93
N TRP A 231 27.83 -0.21 11.28
CA TRP A 231 26.89 0.75 10.73
C TRP A 231 25.43 0.33 10.89
N MET A 232 24.64 1.15 11.57
CA MET A 232 23.22 0.89 11.78
C MET A 232 22.90 -0.54 12.21
N GLY A 233 23.72 -1.08 13.09
CA GLY A 233 23.47 -2.40 13.64
C GLY A 233 24.09 -3.52 12.85
N TYR A 234 24.81 -3.19 11.79
CA TYR A 234 25.50 -4.21 11.02
C TYR A 234 27.01 -4.11 11.10
N GLU A 235 27.64 -5.11 10.51
CA GLU A 235 29.05 -5.10 10.17
C GLU A 235 29.13 -5.22 8.67
N LEU A 236 29.73 -4.22 8.04
CA LEU A 236 29.97 -4.26 6.61
C LEU A 236 31.44 -4.59 6.34
N HIS A 237 31.66 -5.58 5.48
CA HIS A 237 32.98 -6.00 5.04
C HIS A 237 33.02 -5.78 3.53
N PRO A 238 34.23 -5.76 2.93
CA PRO A 238 34.26 -5.53 1.48
C PRO A 238 33.40 -6.48 0.65
N ASP A 239 33.53 -7.78 0.88
CA ASP A 239 32.77 -8.79 0.13
C ASP A 239 31.60 -9.44 0.87
N LYS A 240 31.33 -9.02 2.10
CA LYS A 240 30.29 -9.67 2.90
C LYS A 240 29.75 -8.76 3.99
N TRP A 241 28.58 -9.10 4.53
CA TRP A 241 27.96 -8.32 5.60
C TRP A 241 27.37 -9.24 6.64
N THR A 242 27.19 -8.76 7.86
CA THR A 242 26.38 -9.50 8.83
C THR A 242 25.79 -8.54 9.84
N VAL A 243 25.02 -9.07 10.77
CA VAL A 243 24.55 -8.27 11.89
C VAL A 243 25.67 -8.20 12.91
N GLN A 244 25.68 -7.14 13.71
CA GLN A 244 26.60 -7.05 14.82
C GLN A 244 26.27 -8.21 15.76
N PRO A 245 27.27 -8.66 16.56
CA PRO A 245 27.12 -9.89 17.35
C PRO A 245 25.82 -9.95 18.15
N ILE A 246 25.14 -11.09 18.05
CA ILE A 246 23.89 -11.29 18.77
C ILE A 246 24.15 -12.19 19.97
N VAL A 247 24.02 -11.64 21.17
CA VAL A 247 24.25 -12.41 22.39
C VAL A 247 22.95 -12.56 23.18
N LEU A 248 22.45 -13.79 23.25
CA LEU A 248 21.27 -14.11 24.02
C LEU A 248 21.65 -14.37 25.48
N PRO A 249 21.22 -13.48 26.39
CA PRO A 249 21.66 -13.54 27.79
C PRO A 249 21.16 -14.78 28.52
N GLU A 250 21.99 -15.30 29.42
CA GLU A 250 21.57 -16.37 30.33
C GLU A 250 20.82 -15.74 31.48
N LYS A 251 19.65 -16.30 31.81
CA LYS A 251 18.86 -15.82 32.93
C LYS A 251 18.10 -16.95 33.59
N ASP A 252 18.03 -16.93 34.91
CA ASP A 252 17.24 -17.90 35.66
C ASP A 252 15.78 -17.47 35.68
N SER A 253 15.54 -16.19 35.42
CA SER A 253 14.19 -15.65 35.31
C SER A 253 14.13 -14.50 34.29
N TRP A 254 12.97 -14.32 33.67
CA TRP A 254 12.79 -13.29 32.66
C TRP A 254 11.62 -12.38 33.00
N THR A 255 11.84 -11.07 32.90
CA THR A 255 10.75 -10.12 33.05
C THR A 255 10.18 -9.81 31.68
N VAL A 256 9.16 -8.98 31.62
CA VAL A 256 8.55 -8.59 30.35
C VAL A 256 9.58 -7.86 29.49
N ASN A 257 10.33 -6.97 30.12
CA ASN A 257 11.34 -6.19 29.42
C ASN A 257 12.44 -7.07 28.83
N ASP A 258 12.89 -8.06 29.62
CA ASP A 258 13.88 -9.03 29.16
C ASP A 258 13.40 -9.73 27.90
N ILE A 259 12.13 -10.14 27.91
CA ILE A 259 11.56 -10.87 26.79
C ILE A 259 11.41 -9.96 25.57
N GLN A 260 11.00 -8.72 25.78
CA GLN A 260 10.92 -7.75 24.70
C GLN A 260 12.27 -7.58 24.02
N LYS A 261 13.30 -7.32 24.82
CA LYS A 261 14.67 -7.17 24.32
C LYS A 261 15.14 -8.41 23.57
N LEU A 262 14.78 -9.58 24.12
CA LEU A 262 15.10 -10.87 23.51
C LEU A 262 14.48 -11.01 22.12
N VAL A 263 13.20 -10.66 22.01
CA VAL A 263 12.46 -10.73 20.77
C VAL A 263 13.02 -9.73 19.76
N GLY A 264 13.46 -8.58 20.26
CA GLY A 264 14.10 -7.57 19.42
C GLY A 264 15.40 -8.08 18.82
N LYS A 265 16.22 -8.72 19.66
CA LYS A 265 17.47 -9.31 19.20
C LYS A 265 17.21 -10.41 18.16
N LEU A 266 16.18 -11.23 18.42
CA LEU A 266 15.83 -12.31 17.52
C LEU A 266 15.31 -11.80 16.17
N ASN A 267 14.48 -10.76 16.20
CA ASN A 267 13.97 -10.14 14.98
C ASN A 267 15.11 -9.56 14.17
N TRP A 268 16.02 -8.87 14.86
CA TRP A 268 17.18 -8.30 14.18
C TRP A 268 18.08 -9.38 13.58
N ALA A 269 18.26 -10.47 14.31
CA ALA A 269 19.08 -11.59 13.85
C ALA A 269 18.46 -12.33 12.67
N SER A 270 17.12 -12.35 12.62
CA SER A 270 16.39 -13.15 11.65
C SER A 270 16.67 -12.75 10.20
N GLN A 271 17.18 -11.54 9.99
CA GLN A 271 17.45 -11.08 8.64
C GLN A 271 18.72 -11.72 8.04
N ILE A 272 19.48 -12.45 8.86
CA ILE A 272 20.64 -13.20 8.33
C ILE A 272 20.65 -14.67 8.83
N TYR A 273 20.51 -14.88 10.14
CA TYR A 273 20.42 -16.23 10.68
C TYR A 273 19.10 -16.90 10.28
N PRO A 274 19.18 -17.96 9.47
CA PRO A 274 17.97 -18.62 8.94
C PRO A 274 17.22 -19.43 9.98
N GLY A 275 15.89 -19.40 9.92
CA GLY A 275 15.05 -20.26 10.74
C GLY A 275 14.75 -19.80 12.16
N ILE A 276 15.07 -18.54 12.47
CA ILE A 276 14.74 -17.96 13.77
C ILE A 276 13.23 -17.97 14.02
N LYS A 277 12.81 -18.35 15.23
CA LYS A 277 11.39 -18.40 15.61
C LYS A 277 11.08 -17.50 16.82
N VAL A 278 10.14 -16.58 16.66
CA VAL A 278 9.68 -15.74 17.78
C VAL A 278 8.30 -16.00 18.41
N ARG A 279 7.50 -16.94 17.90
CA ARG A 279 6.09 -17.02 18.32
C ARG A 279 5.86 -17.34 19.80
N GLN A 280 6.47 -18.41 20.27
CA GLN A 280 6.23 -18.87 21.65
C GLN A 280 6.80 -17.89 22.67
N LEU A 281 7.81 -17.13 22.28
CA LEU A 281 8.38 -16.10 23.15
C LEU A 281 7.53 -14.82 23.12
N SER A 282 6.94 -14.53 21.97
CA SER A 282 6.10 -13.34 21.83
C SER A 282 4.72 -13.55 22.45
N LYS A 283 4.24 -14.79 22.43
CA LYS A 283 2.93 -15.12 22.97
C LYS A 283 2.84 -14.86 24.48
N LEU A 284 3.99 -14.66 25.12
CA LEU A 284 4.01 -14.34 26.54
C LEU A 284 3.72 -12.86 26.77
N LEU A 285 4.08 -12.03 25.79
CA LEU A 285 4.07 -10.58 25.97
C LEU A 285 2.68 -9.94 25.94
N ARG A 286 1.67 -10.69 25.53
CA ARG A 286 0.34 -10.11 25.35
C ARG A 286 -0.38 -9.86 26.66
N GLY A 287 -0.94 -8.65 26.80
CA GLY A 287 -1.66 -8.26 27.99
C GLY A 287 -0.78 -8.12 29.22
N THR A 288 0.25 -7.30 29.14
CA THR A 288 1.17 -7.11 30.25
C THR A 288 1.34 -5.64 30.64
N LYS A 289 2.04 -4.89 29.79
CA LYS A 289 2.30 -3.45 29.96
C LYS A 289 3.24 -3.12 31.13
N ALA A 290 3.56 -4.12 31.95
CA ALA A 290 4.47 -3.91 33.07
C ALA A 290 5.84 -4.52 32.74
N LEU A 291 6.84 -3.68 32.55
CA LEU A 291 8.16 -4.14 32.11
C LEU A 291 8.86 -4.98 33.17
N THR A 292 8.63 -4.64 34.43
CA THR A 292 9.31 -5.30 35.55
C THR A 292 8.68 -6.65 35.91
N GLU A 293 7.48 -6.92 35.39
CA GLU A 293 6.75 -8.13 35.76
C GLU A 293 7.43 -9.40 35.22
N VAL A 294 7.76 -10.31 36.13
CA VAL A 294 8.40 -11.57 35.75
C VAL A 294 7.38 -12.57 35.22
N ILE A 295 7.59 -13.04 34.00
CA ILE A 295 6.70 -14.01 33.39
C ILE A 295 7.39 -15.35 33.19
N PRO A 296 6.84 -16.41 33.83
CA PRO A 296 7.41 -17.74 33.69
C PRO A 296 7.37 -18.22 32.25
N LEU A 297 8.44 -18.86 31.80
CA LEU A 297 8.51 -19.34 30.43
C LEU A 297 7.83 -20.70 30.28
N THR A 298 6.99 -20.81 29.26
CA THR A 298 6.39 -22.10 28.92
C THR A 298 7.47 -23.04 28.37
N GLU A 299 7.18 -24.33 28.39
CA GLU A 299 8.05 -25.34 27.82
C GLU A 299 8.33 -25.06 26.34
N GLU A 300 7.29 -24.61 25.64
CA GLU A 300 7.39 -24.29 24.22
C GLU A 300 8.31 -23.09 23.97
N ALA A 301 8.21 -22.09 24.83
CA ALA A 301 9.08 -20.92 24.75
C ALA A 301 10.52 -21.33 25.04
N GLU A 302 10.70 -22.25 25.97
CA GLU A 302 12.03 -22.74 26.33
C GLU A 302 12.66 -23.47 25.14
N LEU A 303 11.86 -24.28 24.47
CA LEU A 303 12.33 -25.02 23.30
C LEU A 303 12.66 -24.07 22.14
N GLU A 304 11.81 -23.08 21.94
CA GLU A 304 12.03 -22.08 20.90
C GLU A 304 13.35 -21.33 21.15
N LEU A 305 13.53 -20.87 22.39
CA LEU A 305 14.75 -20.16 22.78
C LEU A 305 15.99 -21.03 22.61
N ALA A 306 15.88 -22.31 22.96
CA ALA A 306 16.98 -23.26 22.77
C ALA A 306 17.37 -23.41 21.30
N GLU A 307 16.36 -23.60 20.44
CA GLU A 307 16.59 -23.70 19.01
C GLU A 307 17.26 -22.43 18.48
N ASN A 308 16.80 -21.28 18.98
CA ASN A 308 17.41 -20.00 18.62
C ASN A 308 18.89 -19.96 19.00
N ARG A 309 19.18 -20.31 20.24
CA ARG A 309 20.55 -20.39 20.74
C ARG A 309 21.41 -21.26 19.85
N GLU A 310 20.84 -22.36 19.37
CA GLU A 310 21.57 -23.24 18.48
C GLU A 310 21.87 -22.56 17.14
N ILE A 311 20.86 -21.92 16.56
CA ILE A 311 21.03 -21.22 15.29
C ILE A 311 22.07 -20.08 15.42
N LEU A 312 22.11 -19.45 16.59
CA LEU A 312 23.00 -18.30 16.82
C LEU A 312 24.39 -18.69 17.36
N LYS A 313 24.68 -19.98 17.43
CA LYS A 313 25.89 -20.44 18.11
C LYS A 313 27.19 -19.99 17.42
N GLU A 314 27.14 -19.74 16.12
CA GLU A 314 28.32 -19.28 15.39
C GLU A 314 27.97 -18.28 14.30
N PRO A 315 28.91 -17.39 13.96
CA PRO A 315 28.64 -16.32 12.99
C PRO A 315 28.17 -16.80 11.63
N VAL A 316 27.18 -16.10 11.08
CA VAL A 316 26.71 -16.32 9.73
C VAL A 316 26.84 -15.02 8.96
N HIS A 317 27.13 -15.10 7.66
CA HIS A 317 27.26 -13.90 6.83
C HIS A 317 26.40 -13.94 5.56
N GLY A 318 25.88 -12.77 5.17
CA GLY A 318 25.24 -12.65 3.89
C GLY A 318 26.22 -12.14 2.85
N VAL A 319 26.02 -12.48 1.59
CA VAL A 319 26.81 -11.90 0.52
C VAL A 319 26.10 -10.66 -0.05
N TYR A 320 26.75 -9.97 -0.98
CA TYR A 320 26.18 -8.76 -1.57
C TYR A 320 25.47 -9.09 -2.87
N TYR A 321 24.88 -8.06 -3.47
CA TYR A 321 24.06 -8.26 -4.65
C TYR A 321 24.84 -8.11 -5.94
N ASP A 322 24.69 -9.09 -6.82
CA ASP A 322 25.23 -9.02 -8.17
C ASP A 322 24.06 -8.87 -9.15
N PRO A 323 23.88 -7.66 -9.70
CA PRO A 323 22.75 -7.30 -10.56
C PRO A 323 22.67 -8.13 -11.84
N SER A 324 23.75 -8.83 -12.18
CA SER A 324 23.78 -9.63 -13.40
C SER A 324 23.18 -11.02 -13.21
N LYS A 325 22.95 -11.39 -11.95
CA LYS A 325 22.38 -12.70 -11.65
C LYS A 325 20.97 -12.57 -11.13
N ASP A 326 20.17 -13.60 -11.40
CA ASP A 326 18.78 -13.59 -10.97
C ASP A 326 18.64 -13.70 -9.46
N LEU A 327 17.47 -13.33 -8.97
CA LEU A 327 17.17 -13.35 -7.55
C LEU A 327 16.24 -14.52 -7.24
N ILE A 328 16.56 -15.30 -6.22
CA ILE A 328 15.73 -16.44 -5.86
C ILE A 328 15.32 -16.41 -4.39
N ALA A 329 14.03 -16.60 -4.14
CA ALA A 329 13.48 -16.61 -2.79
C ALA A 329 12.83 -17.95 -2.49
N GLU A 330 13.19 -18.55 -1.36
CA GLU A 330 12.65 -19.84 -0.99
C GLU A 330 12.01 -19.75 0.39
N ILE A 331 10.85 -20.36 0.54
CA ILE A 331 10.07 -20.27 1.77
C ILE A 331 9.80 -21.64 2.37
N GLN A 332 9.80 -21.74 3.70
CA GLN A 332 9.40 -22.95 4.41
C GLN A 332 8.40 -22.62 5.52
N LYS A 333 7.45 -23.52 5.72
CA LYS A 333 6.52 -23.43 6.84
C LYS A 333 7.17 -24.00 8.10
N GLN A 334 7.17 -23.22 9.17
CA GLN A 334 7.73 -23.68 10.45
C GLN A 334 6.65 -24.17 11.43
N GLY A 335 5.39 -23.98 11.07
CA GLY A 335 4.30 -24.32 11.97
C GLY A 335 3.89 -23.16 12.86
N GLN A 336 2.69 -23.25 13.42
CA GLN A 336 2.13 -22.24 14.32
C GLN A 336 2.10 -20.85 13.68
N GLY A 337 1.77 -20.80 12.40
CA GLY A 337 1.65 -19.55 11.67
C GLY A 337 2.98 -18.89 11.38
N GLN A 338 4.08 -19.62 11.57
CA GLN A 338 5.41 -19.07 11.33
C GLN A 338 5.96 -19.54 10.00
N TRP A 339 6.54 -18.61 9.24
CA TRP A 339 7.17 -18.97 7.97
C TRP A 339 8.57 -18.36 7.93
N THR A 340 9.50 -19.04 7.27
CA THR A 340 10.84 -18.51 7.18
C THR A 340 11.31 -18.55 5.73
N TYR A 341 12.20 -17.65 5.35
CA TYR A 341 12.65 -17.60 3.97
C TYR A 341 14.12 -17.22 3.80
N GLN A 342 14.65 -17.59 2.64
CA GLN A 342 16.02 -17.24 2.27
C GLN A 342 16.01 -16.62 0.88
N ILE A 343 16.83 -15.60 0.69
CA ILE A 343 16.98 -14.98 -0.60
C ILE A 343 18.45 -15.02 -1.00
N TYR A 344 18.69 -15.62 -2.17
CA TYR A 344 20.03 -15.85 -2.70
C TYR A 344 20.10 -15.74 -4.22
N GLN A 345 21.30 -15.86 -4.77
CA GLN A 345 21.51 -15.86 -6.21
C GLN A 345 22.23 -17.16 -6.60
N GLU A 346 23.42 -17.37 -6.04
CA GLU A 346 24.08 -18.67 -6.13
C GLU A 346 23.67 -19.54 -4.93
N PRO A 347 23.38 -20.83 -5.17
CA PRO A 347 22.93 -21.76 -4.13
C PRO A 347 23.81 -21.74 -2.89
N PHE A 348 23.18 -21.78 -1.72
CA PHE A 348 23.86 -21.85 -0.42
C PHE A 348 24.60 -20.57 -0.04
N LYS A 349 24.56 -19.55 -0.89
CA LYS A 349 25.05 -18.25 -0.45
C LYS A 349 23.90 -17.24 -0.35
N ASN A 350 23.46 -16.98 0.87
CA ASN A 350 22.29 -16.14 1.08
C ASN A 350 22.65 -14.67 1.01
N LEU A 351 21.83 -13.91 0.29
CA LEU A 351 21.90 -12.46 0.37
C LEU A 351 21.29 -12.04 1.68
N LYS A 352 20.11 -12.59 1.99
CA LYS A 352 19.53 -12.35 3.32
C LYS A 352 18.53 -13.46 3.67
N THR A 353 18.00 -13.40 4.88
CA THR A 353 16.96 -14.33 5.30
C THR A 353 15.85 -13.52 5.94
N GLY A 354 14.78 -14.19 6.34
CA GLY A 354 13.70 -13.49 7.02
C GLY A 354 12.57 -14.39 7.48
N LYS A 355 11.54 -13.80 8.07
CA LYS A 355 10.41 -14.58 8.53
C LYS A 355 9.09 -13.83 8.37
N TYR A 356 7.99 -14.56 8.48
CA TYR A 356 6.66 -13.97 8.44
C TYR A 356 5.75 -14.64 9.46
N ALA A 357 5.05 -13.84 10.26
CA ALA A 357 4.05 -14.37 11.18
C ALA A 357 2.66 -14.12 10.60
N ARG A 358 1.75 -15.06 10.82
CA ARG A 358 0.38 -14.90 10.36
C ARG A 358 -0.24 -13.67 11.02
N MET A 359 -1.13 -12.98 10.31
CA MET A 359 -1.83 -11.84 10.88
C MET A 359 -2.76 -12.33 11.97
N ARG A 360 -3.02 -11.47 12.95
CA ARG A 360 -3.95 -11.80 14.01
C ARG A 360 -5.35 -11.90 13.39
N GLY A 361 -6.04 -13.01 13.63
CA GLY A 361 -7.36 -13.22 13.04
C GLY A 361 -8.13 -14.38 13.62
N ALA A 362 -9.43 -14.42 13.33
CA ALA A 362 -10.32 -15.45 13.84
C ALA A 362 -10.05 -16.81 13.19
N HIS A 363 -9.88 -16.82 11.88
CA HIS A 363 -9.61 -18.06 11.13
C HIS A 363 -8.59 -17.80 10.02
N THR A 364 -7.93 -18.85 9.56
CA THR A 364 -6.85 -18.71 8.60
C THR A 364 -6.64 -20.01 7.85
N ASN A 365 -5.90 -19.97 6.74
CA ASN A 365 -5.34 -21.22 6.22
C ASN A 365 -3.91 -21.05 5.67
N ASP A 366 -3.24 -22.17 5.44
CA ASP A 366 -1.84 -22.17 5.05
C ASP A 366 -1.57 -21.44 3.73
N VAL A 367 -2.49 -21.59 2.78
CA VAL A 367 -2.32 -21.00 1.46
C VAL A 367 -2.38 -19.47 1.50
N LYS A 368 -3.35 -18.92 2.22
CA LYS A 368 -3.42 -17.48 2.45
C LYS A 368 -2.13 -16.94 3.09
N GLN A 369 -1.63 -17.66 4.09
CA GLN A 369 -0.43 -17.25 4.80
C GLN A 369 0.79 -17.25 3.88
N LEU A 370 0.94 -18.34 3.12
CA LEU A 370 2.00 -18.43 2.13
C LEU A 370 1.91 -17.27 1.14
N THR A 371 0.69 -16.94 0.75
CA THR A 371 0.42 -15.81 -0.16
C THR A 371 0.88 -14.48 0.42
N GLU A 372 0.54 -14.25 1.69
CA GLU A 372 0.97 -13.04 2.37
C GLU A 372 2.49 -12.96 2.48
N ALA A 373 3.11 -14.07 2.86
CA ALA A 373 4.57 -14.14 2.93
C ALA A 373 5.18 -13.78 1.58
N VAL A 374 4.59 -14.33 0.52
CA VAL A 374 5.06 -14.03 -0.83
C VAL A 374 4.94 -12.52 -1.13
N GLN A 375 3.83 -11.90 -0.74
CA GLN A 375 3.66 -10.47 -1.04
C GLN A 375 4.68 -9.62 -0.26
N LYS A 376 4.87 -9.96 1.01
CA LYS A 376 5.85 -9.27 1.85
C LYS A 376 7.26 -9.38 1.28
N ILE A 377 7.65 -10.60 0.90
CA ILE A 377 8.98 -10.80 0.33
C ILE A 377 9.10 -10.04 -1.00
N THR A 378 8.04 -10.03 -1.78
CA THR A 378 8.02 -9.27 -3.04
C THR A 378 8.28 -7.78 -2.80
N THR A 379 7.61 -7.22 -1.80
CA THR A 379 7.70 -5.80 -1.53
C THR A 379 9.08 -5.43 -1.01
N GLU A 380 9.53 -6.16 0.01
CA GLU A 380 10.89 -5.97 0.52
C GLU A 380 11.92 -6.10 -0.63
N SER A 381 11.71 -7.05 -1.53
CA SER A 381 12.65 -7.28 -2.61
C SER A 381 12.64 -6.12 -3.62
N ILE A 382 11.50 -5.52 -3.86
CA ILE A 382 11.47 -4.37 -4.75
C ILE A 382 12.18 -3.20 -4.07
N VAL A 383 11.98 -3.02 -2.77
CA VAL A 383 12.73 -2.00 -2.05
C VAL A 383 14.25 -2.20 -2.18
N ILE A 384 14.72 -3.41 -1.90
CA ILE A 384 16.14 -3.67 -1.80
C ILE A 384 16.85 -3.85 -3.15
N TRP A 385 16.33 -4.70 -4.02
CA TRP A 385 16.97 -4.95 -5.31
C TRP A 385 16.28 -4.33 -6.53
N GLY A 386 15.09 -3.77 -6.32
CA GLY A 386 14.32 -3.21 -7.42
C GLY A 386 13.69 -4.24 -8.35
N LYS A 387 13.56 -5.48 -7.88
CA LYS A 387 12.93 -6.51 -8.71
C LYS A 387 12.36 -7.64 -7.85
N THR A 388 11.46 -8.42 -8.45
CA THR A 388 10.83 -9.55 -7.80
C THR A 388 11.69 -10.80 -7.98
N PRO A 389 11.94 -11.52 -6.87
CA PRO A 389 12.73 -12.76 -6.94
C PRO A 389 11.92 -13.90 -7.52
N LYS A 390 12.59 -14.93 -8.02
CA LYS A 390 11.92 -16.14 -8.41
C LYS A 390 11.65 -16.94 -7.14
N PHE A 391 10.43 -17.45 -7.00
CA PHE A 391 10.05 -18.11 -5.76
C PHE A 391 10.14 -19.63 -5.87
N LYS A 392 10.60 -20.24 -4.78
CA LYS A 392 10.54 -21.67 -4.61
C LYS A 392 9.63 -21.95 -3.42
N LEU A 393 8.52 -22.62 -3.67
CA LEU A 393 7.49 -22.75 -2.65
C LEU A 393 7.13 -24.21 -2.34
N PRO A 394 6.85 -24.51 -1.07
CA PRO A 394 6.43 -25.85 -0.66
C PRO A 394 4.93 -26.08 -0.93
N ILE A 395 4.52 -25.87 -2.17
CA ILE A 395 3.14 -26.11 -2.55
C ILE A 395 3.10 -26.62 -4.00
N GLN A 396 2.32 -27.66 -4.23
CA GLN A 396 2.20 -28.23 -5.56
C GLN A 396 1.47 -27.27 -6.50
N LYS A 397 1.88 -27.26 -7.75
CA LYS A 397 1.24 -26.44 -8.78
C LYS A 397 -0.26 -26.72 -8.88
N GLU A 398 -0.63 -28.00 -8.78
CA GLU A 398 -2.02 -28.40 -8.87
C GLU A 398 -2.85 -27.86 -7.69
N THR A 399 -2.27 -27.94 -6.50
CA THR A 399 -2.90 -27.38 -5.30
C THR A 399 -3.21 -25.89 -5.48
N TRP A 400 -2.21 -25.13 -5.91
CA TRP A 400 -2.37 -23.69 -6.15
C TRP A 400 -3.40 -23.40 -7.21
N GLU A 401 -3.35 -24.15 -8.31
CA GLU A 401 -4.33 -24.03 -9.37
C GLU A 401 -5.78 -24.21 -8.87
N THR A 402 -6.01 -25.31 -8.15
CA THR A 402 -7.31 -25.58 -7.55
C THR A 402 -7.75 -24.42 -6.63
N TRP A 403 -6.83 -24.01 -5.75
CA TRP A 403 -7.12 -22.95 -4.79
C TRP A 403 -7.52 -21.64 -5.44
N TRP A 404 -6.66 -21.09 -6.31
CA TRP A 404 -6.96 -19.78 -6.85
C TRP A 404 -8.10 -19.84 -7.87
N THR A 405 -8.27 -20.95 -8.57
CA THR A 405 -9.43 -21.05 -9.46
C THR A 405 -10.75 -21.07 -8.70
N GLU A 406 -10.79 -21.71 -7.53
CA GLU A 406 -12.05 -21.77 -6.78
C GLU A 406 -12.24 -20.67 -5.71
N TYR A 407 -11.20 -19.92 -5.40
CA TYR A 407 -11.29 -18.93 -4.32
C TYR A 407 -12.12 -17.71 -4.72
N TRP A 408 -12.94 -17.22 -3.79
CA TRP A 408 -13.90 -16.16 -4.09
C TRP A 408 -13.21 -14.81 -4.28
N GLN A 409 -11.99 -14.70 -3.77
CA GLN A 409 -11.17 -13.49 -3.95
C GLN A 409 -10.19 -13.65 -5.09
N ALA A 410 -9.90 -12.56 -5.78
CA ALA A 410 -8.77 -12.52 -6.69
C ALA A 410 -7.48 -12.68 -5.90
N THR A 411 -6.60 -13.56 -6.38
CA THR A 411 -5.32 -13.73 -5.71
C THR A 411 -4.27 -14.18 -6.72
N TRP A 412 -3.02 -13.83 -6.44
CA TRP A 412 -1.96 -14.06 -7.40
C TRP A 412 -0.63 -14.23 -6.71
N ILE A 413 0.20 -15.08 -7.28
CA ILE A 413 1.57 -15.24 -6.83
C ILE A 413 2.47 -15.11 -8.05
N PRO A 414 3.59 -14.37 -7.91
CA PRO A 414 4.48 -14.16 -9.06
C PRO A 414 5.17 -15.45 -9.46
N GLU A 415 5.99 -15.40 -10.51
CA GLU A 415 6.58 -16.61 -11.08
C GLU A 415 7.24 -17.44 -9.99
N TRP A 416 6.88 -18.71 -9.95
CA TRP A 416 7.32 -19.58 -8.88
C TRP A 416 7.38 -21.03 -9.31
N GLU A 417 8.11 -21.84 -8.55
CA GLU A 417 8.18 -23.26 -8.79
C GLU A 417 8.09 -24.06 -7.48
N PHE A 418 7.55 -25.26 -7.58
CA PHE A 418 7.42 -26.15 -6.43
C PHE A 418 8.78 -26.69 -6.00
N VAL A 419 9.05 -26.60 -4.70
CA VAL A 419 10.20 -27.26 -4.12
C VAL A 419 9.70 -28.28 -3.10
N ASN A 420 10.17 -29.52 -3.18
CA ASN A 420 9.56 -30.54 -2.35
C ASN A 420 10.39 -30.72 -1.11
N THR A 421 9.98 -29.99 -0.08
CA THR A 421 10.64 -29.92 1.21
C THR A 421 9.58 -29.76 2.29
N PRO A 422 9.06 -30.88 2.81
CA PRO A 422 7.98 -30.91 3.79
C PRO A 422 8.24 -29.99 4.98
N PRO A 423 7.17 -29.55 5.66
CA PRO A 423 5.76 -29.88 5.35
C PRO A 423 5.24 -29.11 4.15
N LEU A 424 4.50 -29.79 3.29
CA LEU A 424 3.92 -29.16 2.13
C LEU A 424 2.64 -28.45 2.49
N VAL A 425 2.38 -27.32 1.83
CA VAL A 425 1.12 -26.64 1.95
C VAL A 425 0.10 -27.34 1.07
N LYS A 426 -1.06 -27.67 1.65
CA LYS A 426 -2.08 -28.38 0.88
C LYS A 426 -3.46 -27.85 1.23
N LEU A 427 -4.42 -28.19 0.38
CA LEU A 427 -5.83 -27.94 0.67
C LEU A 427 -6.38 -29.15 1.42
N TRP A 428 -6.90 -28.92 2.62
CA TRP A 428 -7.33 -30.03 3.46
C TRP A 428 -8.73 -30.57 3.12
N TYR A 429 -9.64 -29.69 2.71
CA TYR A 429 -10.95 -30.13 2.23
C TYR A 429 -11.37 -29.29 1.04
N GLN A 430 -12.27 -29.84 0.23
CA GLN A 430 -12.85 -29.10 -0.88
C GLN A 430 -14.35 -29.37 -0.98
N LEU A 431 -15.16 -28.32 -0.82
CA LEU A 431 -16.61 -28.47 -0.90
C LEU A 431 -17.06 -28.74 -2.32
N GLU A 432 -18.24 -29.33 -2.45
CA GLU A 432 -18.84 -29.64 -3.75
C GLU A 432 -19.52 -28.42 -4.35
N LYS A 433 -19.50 -28.34 -5.69
CA LYS A 433 -20.18 -27.26 -6.38
C LYS A 433 -21.64 -27.61 -6.69
N GLU A 434 -21.96 -28.90 -6.66
CA GLU A 434 -23.32 -29.36 -6.91
C GLU A 434 -23.73 -30.37 -5.84
N PRO A 435 -25.03 -30.46 -5.55
CA PRO A 435 -25.52 -31.44 -4.58
C PRO A 435 -25.18 -32.87 -4.99
N ILE A 436 -25.01 -33.73 -3.99
CA ILE A 436 -24.54 -35.08 -4.24
C ILE A 436 -25.70 -36.06 -4.34
N VAL A 437 -25.76 -36.77 -5.46
CA VAL A 437 -26.76 -37.81 -5.66
C VAL A 437 -26.40 -39.03 -4.83
N GLY A 438 -27.38 -39.56 -4.09
CA GLY A 438 -27.17 -40.71 -3.25
C GLY A 438 -26.80 -40.38 -1.81
N ALA A 439 -26.28 -39.17 -1.58
CA ALA A 439 -25.83 -38.79 -0.25
C ALA A 439 -26.97 -38.19 0.58
N GLU A 440 -27.05 -38.62 1.84
CA GLU A 440 -28.09 -38.17 2.76
C GLU A 440 -28.09 -36.66 2.91
N THR A 441 -29.28 -36.07 2.97
CA THR A 441 -29.43 -34.62 3.09
C THR A 441 -29.79 -34.19 4.51
N PHE A 442 -28.88 -33.47 5.16
CA PHE A 442 -29.08 -32.98 6.52
C PHE A 442 -29.53 -31.52 6.56
N TYR A 443 -30.74 -31.29 7.05
CA TYR A 443 -31.22 -29.93 7.34
C TYR A 443 -30.88 -29.57 8.77
N VAL A 444 -30.05 -28.56 8.95
CA VAL A 444 -29.55 -28.23 10.27
C VAL A 444 -30.13 -26.91 10.76
N ASP A 445 -30.23 -26.79 12.08
CA ASP A 445 -30.57 -25.48 12.66
C ASP A 445 -30.15 -25.40 14.11
N GLY A 446 -30.02 -24.17 14.58
CA GLY A 446 -29.69 -23.93 15.97
C GLY A 446 -30.30 -22.61 16.39
N ALA A 447 -30.51 -22.45 17.68
CA ALA A 447 -31.03 -21.19 18.21
C ALA A 447 -30.68 -21.09 19.69
N ALA A 448 -30.68 -19.87 20.20
CA ALA A 448 -30.38 -19.66 21.62
C ALA A 448 -31.19 -18.50 22.17
N ASN A 449 -31.61 -18.62 23.41
CA ASN A 449 -32.30 -17.54 24.09
C ASN A 449 -31.27 -16.54 24.57
N ARG A 450 -31.42 -15.29 24.15
CA ARG A 450 -30.38 -14.29 24.40
C ARG A 450 -30.17 -14.00 25.89
N GLU A 451 -31.25 -14.05 26.66
CA GLU A 451 -31.17 -13.77 28.10
C GLU A 451 -30.64 -14.95 28.92
N THR A 452 -31.23 -16.13 28.71
CA THR A 452 -30.86 -17.31 29.49
C THR A 452 -29.59 -17.96 28.97
N LYS A 453 -29.31 -17.72 27.70
CA LYS A 453 -28.20 -18.33 26.97
C LYS A 453 -28.37 -19.86 26.87
N LEU A 454 -29.61 -20.32 26.97
CA LEU A 454 -29.95 -21.70 26.69
C LEU A 454 -30.27 -21.81 25.21
N GLY A 455 -29.88 -22.93 24.60
CA GLY A 455 -30.12 -23.08 23.19
C GLY A 455 -30.21 -24.53 22.77
N LYS A 456 -30.46 -24.75 21.48
CA LYS A 456 -30.53 -26.08 20.93
C LYS A 456 -29.84 -26.08 19.58
N ALA A 457 -29.18 -27.20 19.26
CA ALA A 457 -28.65 -27.39 17.91
C ALA A 457 -29.10 -28.74 17.40
N GLY A 458 -29.27 -28.89 16.09
CA GLY A 458 -29.71 -30.17 15.56
C GLY A 458 -29.98 -30.29 14.08
N TYR A 459 -30.53 -31.44 13.69
CA TYR A 459 -30.78 -31.73 12.29
C TYR A 459 -31.93 -32.69 12.10
N VAL A 460 -32.48 -32.67 10.89
CA VAL A 460 -33.43 -33.66 10.42
C VAL A 460 -33.00 -34.03 9.00
N THR A 461 -33.06 -35.31 8.63
CA THR A 461 -32.63 -35.68 7.28
C THR A 461 -33.71 -36.36 6.46
N ASN A 462 -33.39 -36.65 5.20
CA ASN A 462 -34.36 -37.24 4.29
C ASN A 462 -34.64 -38.70 4.58
N LYS A 463 -33.78 -39.33 5.38
CA LYS A 463 -33.98 -40.73 5.76
C LYS A 463 -34.69 -40.84 7.10
N GLY A 464 -35.11 -39.71 7.65
CA GLY A 464 -35.79 -39.71 8.93
C GLY A 464 -34.84 -39.59 10.12
N ARG A 465 -33.54 -39.50 9.84
CA ARG A 465 -32.54 -39.28 10.90
C ARG A 465 -32.77 -37.92 11.53
N GLN A 466 -32.58 -37.84 12.85
CA GLN A 466 -32.84 -36.62 13.59
C GLN A 466 -31.99 -36.52 14.83
N LYS A 467 -31.60 -35.30 15.19
CA LYS A 467 -31.02 -35.08 16.51
C LYS A 467 -31.28 -33.66 16.98
N VAL A 468 -31.54 -33.51 18.28
CA VAL A 468 -31.57 -32.19 18.91
C VAL A 468 -30.80 -32.27 20.23
N VAL A 469 -29.78 -31.44 20.36
CA VAL A 469 -28.95 -31.35 21.55
C VAL A 469 -29.18 -30.04 22.28
N PRO A 470 -29.53 -30.11 23.58
CA PRO A 470 -29.66 -28.93 24.44
C PRO A 470 -28.30 -28.40 24.88
N LEU A 471 -28.17 -27.08 24.89
CA LEU A 471 -26.88 -26.43 25.13
C LEU A 471 -27.03 -25.28 26.14
N THR A 472 -26.05 -25.14 27.01
CA THR A 472 -26.03 -24.02 27.94
C THR A 472 -24.86 -23.09 27.64
N ASN A 473 -25.02 -21.83 28.02
CA ASN A 473 -23.97 -20.83 27.82
C ASN A 473 -23.59 -20.72 26.35
N THR A 474 -24.54 -20.32 25.53
CA THR A 474 -24.32 -20.30 24.09
C THR A 474 -25.07 -19.15 23.42
N THR A 475 -24.87 -19.02 22.12
CA THR A 475 -25.42 -17.94 21.32
C THR A 475 -25.98 -18.51 20.03
N ASN A 476 -26.73 -17.72 19.29
CA ASN A 476 -27.24 -18.16 17.99
C ASN A 476 -26.15 -18.70 17.07
N GLN A 477 -25.09 -17.93 16.91
CA GLN A 477 -23.99 -18.28 16.00
C GLN A 477 -23.33 -19.60 16.39
N LYS A 478 -23.11 -19.77 17.70
CA LYS A 478 -22.53 -21.00 18.22
C LYS A 478 -23.41 -22.21 17.94
N THR A 479 -24.73 -22.03 18.05
CA THR A 479 -25.64 -23.14 17.85
C THR A 479 -25.78 -23.48 16.36
N GLU A 480 -25.68 -22.48 15.50
CA GLU A 480 -25.70 -22.74 14.06
C GLU A 480 -24.48 -23.58 13.68
N LEU A 481 -23.33 -23.17 14.20
CA LEU A 481 -22.10 -23.93 13.97
C LEU A 481 -22.19 -25.33 14.52
N GLN A 482 -22.73 -25.45 15.73
CA GLN A 482 -22.83 -26.74 16.41
C GLN A 482 -23.75 -27.67 15.64
N ALA A 483 -24.81 -27.10 15.08
CA ALA A 483 -25.75 -27.87 14.26
C ALA A 483 -25.01 -28.49 13.07
N ILE A 484 -24.25 -27.65 12.37
CA ILE A 484 -23.45 -28.17 11.25
C ILE A 484 -22.47 -29.26 11.70
N TYR A 485 -21.85 -29.04 12.86
CA TYR A 485 -20.92 -30.00 13.42
C TYR A 485 -21.61 -31.35 13.65
N LEU A 486 -22.80 -31.32 14.22
CA LEU A 486 -23.56 -32.55 14.45
C LEU A 486 -23.84 -33.28 13.14
N ALA A 487 -24.29 -32.53 12.14
CA ALA A 487 -24.56 -33.14 10.83
C ALA A 487 -23.32 -33.86 10.28
N LEU A 488 -22.18 -33.19 10.38
CA LEU A 488 -20.92 -33.81 9.92
C LEU A 488 -20.58 -35.07 10.72
N GLN A 489 -20.68 -34.97 12.05
CA GLN A 489 -20.42 -36.08 12.95
C GLN A 489 -21.26 -37.32 12.66
N ASP A 490 -22.54 -37.12 12.38
CA ASP A 490 -23.46 -38.26 12.27
C ASP A 490 -23.73 -38.74 10.84
N SER A 491 -23.04 -38.21 9.85
CA SER A 491 -23.28 -38.65 8.48
C SER A 491 -22.18 -39.57 7.94
N GLY A 492 -22.40 -40.10 6.75
CA GLY A 492 -21.40 -40.90 6.07
C GLY A 492 -20.35 -40.05 5.37
N LEU A 493 -19.56 -40.68 4.51
CA LEU A 493 -18.43 -40.04 3.87
C LEU A 493 -18.86 -38.97 2.86
N GLU A 494 -20.11 -39.05 2.43
CA GLU A 494 -20.70 -38.09 1.51
C GLU A 494 -21.97 -37.53 2.13
N VAL A 495 -22.09 -36.20 2.16
CA VAL A 495 -23.26 -35.62 2.79
C VAL A 495 -23.66 -34.26 2.19
N ASN A 496 -24.97 -34.05 2.08
CA ASN A 496 -25.55 -32.73 1.79
C ASN A 496 -26.04 -32.07 3.08
N ILE A 497 -25.64 -30.82 3.29
CA ILE A 497 -26.02 -30.08 4.48
C ILE A 497 -26.70 -28.77 4.10
N VAL A 498 -27.90 -28.55 4.64
CA VAL A 498 -28.67 -27.35 4.35
C VAL A 498 -28.75 -26.48 5.60
N THR A 499 -28.31 -25.22 5.50
CA THR A 499 -28.35 -24.31 6.63
C THR A 499 -28.98 -22.98 6.22
N ASP A 500 -29.59 -22.28 7.18
CA ASP A 500 -30.00 -20.90 6.93
C ASP A 500 -29.01 -19.88 7.49
N SER A 501 -27.89 -20.36 8.03
CA SER A 501 -26.97 -19.47 8.72
C SER A 501 -25.97 -18.83 7.76
N GLN A 502 -26.09 -17.52 7.64
CA GLN A 502 -25.18 -16.73 6.81
C GLN A 502 -23.83 -16.58 7.49
N TYR A 503 -23.83 -16.55 8.82
CA TYR A 503 -22.60 -16.50 9.60
C TYR A 503 -21.70 -17.72 9.35
N ALA A 504 -22.28 -18.91 9.53
CA ALA A 504 -21.57 -20.16 9.32
C ALA A 504 -21.07 -20.28 7.88
N LEU A 505 -21.93 -19.95 6.93
CA LEU A 505 -21.55 -19.99 5.54
C LEU A 505 -20.42 -18.99 5.22
N GLY A 506 -20.46 -17.85 5.91
CA GLY A 506 -19.44 -16.82 5.75
C GLY A 506 -18.09 -17.33 6.20
N ILE A 507 -18.09 -18.06 7.31
CA ILE A 507 -16.85 -18.65 7.80
C ILE A 507 -16.35 -19.77 6.89
N ILE A 508 -17.21 -20.74 6.60
CA ILE A 508 -16.81 -21.93 5.86
C ILE A 508 -16.38 -21.61 4.42
N GLN A 509 -17.08 -20.69 3.78
CA GLN A 509 -16.69 -20.30 2.42
C GLN A 509 -15.32 -19.59 2.38
N ALA A 510 -14.84 -19.14 3.54
CA ALA A 510 -13.51 -18.54 3.61
C ALA A 510 -12.43 -19.62 3.63
N GLN A 511 -12.86 -20.86 3.81
CA GLN A 511 -12.01 -22.05 3.75
C GLN A 511 -10.85 -22.07 4.74
N PRO A 512 -11.12 -21.92 6.04
CA PRO A 512 -10.01 -22.02 6.99
C PRO A 512 -9.56 -23.47 7.20
N ASP A 513 -8.26 -23.69 7.39
CA ASP A 513 -7.79 -24.99 7.86
C ASP A 513 -7.50 -24.96 9.37
N LYS A 514 -7.67 -23.80 9.99
CA LYS A 514 -7.43 -23.62 11.42
C LYS A 514 -8.20 -22.41 11.94
N SER A 515 -8.45 -22.38 13.25
CA SER A 515 -9.30 -21.33 13.82
C SER A 515 -9.04 -21.10 15.30
N GLU A 516 -9.42 -19.91 15.78
CA GLU A 516 -9.39 -19.62 17.22
C GLU A 516 -10.46 -20.43 17.93
N SER A 517 -11.65 -20.45 17.32
CA SER A 517 -12.77 -21.21 17.85
C SER A 517 -12.57 -22.71 17.73
N GLU A 518 -12.61 -23.42 18.86
CA GLU A 518 -12.44 -24.86 18.88
C GLU A 518 -13.57 -25.56 18.12
N LEU A 519 -14.74 -24.92 18.09
CA LEU A 519 -15.88 -25.42 17.35
C LEU A 519 -15.58 -25.50 15.86
N VAL A 520 -15.15 -24.37 15.30
CA VAL A 520 -14.74 -24.31 13.90
C VAL A 520 -13.62 -25.32 13.63
N ASN A 521 -12.73 -25.50 14.59
CA ASN A 521 -11.68 -26.51 14.47
C ASN A 521 -12.23 -27.92 14.32
N GLN A 522 -13.21 -28.24 15.16
CA GLN A 522 -13.81 -29.57 15.15
C GLN A 522 -14.51 -29.80 13.81
N ILE A 523 -15.23 -28.78 13.37
CA ILE A 523 -15.88 -28.82 12.07
C ILE A 523 -14.85 -29.07 10.96
N ILE A 524 -13.72 -28.38 11.01
CA ILE A 524 -12.67 -28.57 10.01
C ILE A 524 -12.16 -30.01 10.02
N GLU A 525 -11.91 -30.55 11.21
CA GLU A 525 -11.48 -31.95 11.30
C GLU A 525 -12.50 -32.89 10.62
N GLN A 526 -13.78 -32.65 10.91
CA GLN A 526 -14.84 -33.42 10.28
C GLN A 526 -14.80 -33.31 8.76
N LEU A 527 -14.61 -32.10 8.25
CA LEU A 527 -14.58 -31.85 6.82
C LEU A 527 -13.44 -32.62 6.18
N ILE A 528 -12.27 -32.57 6.82
CA ILE A 528 -11.09 -33.29 6.37
C ILE A 528 -11.42 -34.78 6.24
N LYS A 529 -12.15 -35.32 7.21
CA LYS A 529 -12.46 -36.75 7.15
C LYS A 529 -13.47 -37.13 6.05
N LYS A 530 -14.21 -36.16 5.51
CA LYS A 530 -15.24 -36.49 4.53
C LYS A 530 -14.69 -36.71 3.13
N GLU A 531 -15.39 -37.53 2.34
CA GLU A 531 -15.10 -37.66 0.92
C GLU A 531 -15.75 -36.56 0.09
N LYS A 532 -17.03 -36.30 0.36
CA LYS A 532 -17.76 -35.27 -0.36
C LYS A 532 -18.71 -34.52 0.57
N VAL A 533 -18.65 -33.19 0.52
CA VAL A 533 -19.55 -32.35 1.29
C VAL A 533 -20.17 -31.26 0.43
N TYR A 534 -21.49 -31.25 0.33
CA TYR A 534 -22.15 -30.12 -0.31
C TYR A 534 -22.87 -29.27 0.73
N LEU A 535 -22.56 -27.98 0.73
CA LEU A 535 -23.16 -27.05 1.68
C LEU A 535 -24.09 -26.09 0.94
N ALA A 536 -25.37 -26.11 1.30
CA ALA A 536 -26.37 -25.26 0.66
C ALA A 536 -26.99 -24.30 1.66
N TRP A 537 -27.19 -23.06 1.24
CA TRP A 537 -27.81 -22.06 2.08
C TRP A 537 -29.24 -21.78 1.62
N VAL A 538 -30.14 -21.63 2.58
CA VAL A 538 -31.51 -21.20 2.30
C VAL A 538 -31.84 -20.03 3.22
N PRO A 539 -32.77 -19.17 2.80
CA PRO A 539 -33.26 -18.11 3.71
C PRO A 539 -34.05 -18.70 4.87
N ALA A 540 -33.90 -18.12 6.05
CA ALA A 540 -34.63 -18.55 7.25
C ALA A 540 -36.10 -18.10 7.24
N HIS A 541 -36.91 -18.79 8.04
CA HIS A 541 -38.31 -18.44 8.31
C HIS A 541 -39.20 -18.42 7.07
N LYS A 542 -38.78 -19.12 6.02
CA LYS A 542 -39.54 -19.18 4.78
C LYS A 542 -40.35 -20.46 4.63
N GLY A 543 -40.36 -21.30 5.66
CA GLY A 543 -41.04 -22.58 5.55
C GLY A 543 -40.31 -23.52 4.62
N ILE A 544 -39.05 -23.78 4.94
CA ILE A 544 -38.20 -24.75 4.24
C ILE A 544 -37.88 -25.85 5.24
N GLY A 545 -37.57 -27.05 4.74
CA GLY A 545 -37.43 -28.24 5.57
C GLY A 545 -36.54 -28.11 6.79
N GLY A 546 -35.64 -27.11 6.79
CA GLY A 546 -34.87 -26.79 7.97
C GLY A 546 -35.83 -26.44 9.10
N ASN A 547 -35.69 -27.13 10.23
CA ASN A 547 -36.77 -27.08 11.21
C ASN A 547 -36.49 -26.47 12.59
N GLU A 548 -37.39 -25.55 12.95
CA GLU A 548 -37.62 -25.16 14.33
C GLU A 548 -39.06 -25.56 14.70
N GLN A 549 -39.28 -26.61 15.52
CA GLN A 549 -38.29 -27.43 16.26
C GLN A 549 -37.42 -26.58 17.16
N VAL A 550 -36.12 -26.48 16.86
CA VAL A 550 -35.16 -25.80 17.72
C VAL A 550 -35.64 -24.40 18.13
N ASP A 551 -35.71 -24.18 19.44
CA ASP A 551 -36.40 -23.02 20.01
C ASP A 551 -35.70 -21.70 19.68
N ILE B 5 0.04 32.27 -19.91
CA ILE B 5 1.09 33.25 -19.65
C ILE B 5 0.94 33.83 -18.25
N GLU B 6 -0.29 33.92 -17.77
CA GLU B 6 -0.57 34.39 -16.42
C GLU B 6 -1.16 33.26 -15.59
N THR B 7 -0.63 33.07 -14.38
CA THR B 7 -1.07 31.99 -13.52
C THR B 7 -2.31 32.38 -12.72
N VAL B 8 -3.30 31.50 -12.71
CA VAL B 8 -4.47 31.70 -11.85
C VAL B 8 -4.14 31.21 -10.45
N PRO B 9 -4.36 32.07 -9.44
CA PRO B 9 -4.06 31.72 -8.04
C PRO B 9 -4.81 30.48 -7.57
N VAL B 10 -4.08 29.55 -6.96
CA VAL B 10 -4.67 28.33 -6.46
C VAL B 10 -4.35 28.20 -4.97
N LYS B 11 -5.32 27.71 -4.20
CA LYS B 11 -5.10 27.45 -2.79
C LYS B 11 -5.64 26.08 -2.41
N LEU B 12 -5.18 25.55 -1.28
CA LEU B 12 -5.75 24.33 -0.73
C LEU B 12 -7.06 24.68 -0.02
N LYS B 13 -7.72 23.67 0.52
CA LYS B 13 -8.91 23.90 1.32
C LYS B 13 -8.50 24.46 2.68
N PRO B 14 -9.36 25.30 3.28
CA PRO B 14 -9.06 25.91 4.58
C PRO B 14 -8.83 24.89 5.68
N GLY B 15 -7.73 25.04 6.41
CA GLY B 15 -7.41 24.14 7.50
C GLY B 15 -6.61 22.93 7.07
N MET B 16 -6.18 22.90 5.82
CA MET B 16 -5.44 21.76 5.27
C MET B 16 -4.05 22.13 4.77
N ASP B 17 -3.06 21.33 5.16
CA ASP B 17 -1.71 21.47 4.64
C ASP B 17 -1.57 20.62 3.38
N GLY B 18 -0.41 20.69 2.73
CA GLY B 18 -0.18 19.95 1.52
C GLY B 18 -0.06 18.46 1.79
N PRO B 19 -0.05 17.66 0.73
CA PRO B 19 0.01 16.22 0.94
C PRO B 19 1.39 15.79 1.41
N LYS B 20 1.44 14.89 2.38
CA LYS B 20 2.68 14.19 2.65
C LYS B 20 2.40 12.71 2.52
N VAL B 21 2.82 12.12 1.41
CA VAL B 21 2.42 10.75 1.10
C VAL B 21 3.65 9.99 0.68
N LYS B 22 3.91 8.89 1.37
CA LYS B 22 5.14 8.14 1.14
C LYS B 22 5.22 7.65 -0.29
N GLN B 23 6.40 7.77 -0.89
CA GLN B 23 6.68 7.11 -2.15
C GLN B 23 6.75 5.61 -1.90
N TRP B 24 6.03 4.84 -2.70
CA TRP B 24 6.05 3.39 -2.57
C TRP B 24 7.16 2.79 -3.43
N PRO B 25 7.58 1.55 -3.12
CA PRO B 25 8.68 0.91 -3.85
C PRO B 25 8.46 0.85 -5.36
N LEU B 26 9.48 1.21 -6.12
CA LEU B 26 9.41 1.13 -7.57
C LEU B 26 10.45 0.17 -8.11
N THR B 27 10.11 -0.52 -9.19
CA THR B 27 11.05 -1.40 -9.85
C THR B 27 12.13 -0.61 -10.58
N GLU B 28 13.24 -1.27 -10.85
CA GLU B 28 14.37 -0.69 -11.56
C GLU B 28 13.98 -0.03 -12.88
N GLU B 29 13.19 -0.73 -13.69
CA GLU B 29 12.77 -0.23 -14.99
C GLU B 29 11.92 1.05 -14.89
N LYS B 30 11.01 1.09 -13.92
CA LYS B 30 10.17 2.25 -13.73
C LYS B 30 11.01 3.43 -13.27
N ILE B 31 12.02 3.14 -12.44
CA ILE B 31 12.93 4.18 -11.98
C ILE B 31 13.74 4.77 -13.13
N LYS B 32 14.37 3.91 -13.94
CA LYS B 32 15.08 4.38 -15.14
C LYS B 32 14.16 5.22 -16.04
N ALA B 33 12.96 4.70 -16.27
CA ALA B 33 11.97 5.40 -17.10
C ALA B 33 11.72 6.82 -16.57
N LEU B 34 11.42 6.91 -15.27
CA LEU B 34 11.12 8.19 -14.65
C LEU B 34 12.34 9.12 -14.66
N VAL B 35 13.55 8.57 -14.56
CA VAL B 35 14.74 9.42 -14.60
C VAL B 35 14.95 10.02 -15.99
N GLU B 36 14.76 9.22 -17.04
CA GLU B 36 14.80 9.75 -18.39
C GLU B 36 13.75 10.84 -18.61
N ILE B 37 12.49 10.49 -18.35
CA ILE B 37 11.37 11.41 -18.56
C ILE B 37 11.56 12.70 -17.79
N CYS B 38 11.91 12.59 -16.51
CA CYS B 38 12.06 13.76 -15.66
C CYS B 38 13.28 14.60 -16.04
N THR B 39 14.35 13.95 -16.51
CA THR B 39 15.50 14.71 -17.01
C THR B 39 15.06 15.59 -18.17
N GLU B 40 14.33 15.00 -19.12
CA GLU B 40 13.81 15.78 -20.24
C GLU B 40 12.85 16.89 -19.80
N MET B 41 11.94 16.58 -18.88
CA MET B 41 11.00 17.59 -18.38
C MET B 41 11.70 18.75 -17.66
N GLU B 42 12.79 18.44 -16.96
CA GLU B 42 13.55 19.46 -16.26
C GLU B 42 14.23 20.35 -17.29
N LYS B 43 14.84 19.74 -18.31
CA LYS B 43 15.44 20.51 -19.39
C LYS B 43 14.41 21.38 -20.12
N GLU B 44 13.15 20.97 -20.08
CA GLU B 44 12.06 21.72 -20.72
C GLU B 44 11.38 22.71 -19.78
N GLY B 45 11.89 22.83 -18.56
CA GLY B 45 11.34 23.77 -17.59
C GLY B 45 10.00 23.38 -17.00
N LYS B 46 9.52 22.17 -17.29
CA LYS B 46 8.23 21.70 -16.77
C LYS B 46 8.32 21.44 -15.26
N ILE B 47 9.49 21.01 -14.81
CA ILE B 47 9.72 20.70 -13.39
C ILE B 47 11.05 21.25 -12.95
N SER B 48 11.18 21.54 -11.65
CA SER B 48 12.44 22.01 -11.10
C SER B 48 12.84 21.21 -9.86
N LYS B 49 14.14 21.07 -9.67
CA LYS B 49 14.67 20.49 -8.44
C LYS B 49 14.23 21.33 -7.25
N ILE B 50 14.04 20.66 -6.11
CA ILE B 50 13.67 21.34 -4.87
C ILE B 50 14.59 20.93 -3.73
N GLY B 51 14.56 21.71 -2.65
CA GLY B 51 15.41 21.44 -1.50
C GLY B 51 14.64 20.79 -0.37
N PRO B 52 15.33 20.57 0.75
CA PRO B 52 14.78 19.94 1.97
C PRO B 52 13.72 20.80 2.66
N GLU B 53 13.61 22.06 2.27
CA GLU B 53 12.60 22.94 2.88
C GLU B 53 11.19 22.62 2.41
N ASN B 54 11.07 21.81 1.36
CA ASN B 54 9.77 21.32 0.92
C ASN B 54 9.50 19.95 1.54
N PRO B 55 8.64 19.91 2.56
CA PRO B 55 8.26 18.70 3.29
C PRO B 55 7.28 17.79 2.54
N TYR B 56 6.60 18.35 1.54
CA TYR B 56 5.47 17.66 0.92
C TYR B 56 5.89 16.57 -0.04
N ASN B 57 5.03 15.57 -0.22
CA ASN B 57 5.28 14.55 -1.22
C ASN B 57 4.02 13.88 -1.76
N THR B 58 4.09 13.54 -3.04
CA THR B 58 3.03 12.82 -3.73
C THR B 58 3.69 11.66 -4.45
N PRO B 59 3.07 10.46 -4.43
CA PRO B 59 3.77 9.33 -5.04
C PRO B 59 3.75 9.40 -6.55
N VAL B 60 4.70 8.73 -7.18
CA VAL B 60 4.83 8.72 -8.63
C VAL B 60 5.21 7.31 -9.08
N PHE B 61 4.84 6.96 -10.31
CA PHE B 61 5.34 5.74 -10.95
C PHE B 61 5.21 5.91 -12.44
N ALA B 62 5.38 4.84 -13.19
CA ALA B 62 5.27 4.90 -14.65
C ALA B 62 4.40 3.77 -15.17
N ILE B 63 3.75 4.01 -16.30
CA ILE B 63 2.90 3.01 -16.93
C ILE B 63 3.18 2.93 -18.43
N LYS B 64 2.86 1.80 -19.05
CA LYS B 64 2.84 1.72 -20.50
C LYS B 64 1.39 1.70 -20.96
N LYS B 65 0.97 2.74 -21.68
CA LYS B 65 -0.44 2.85 -22.06
C LYS B 65 -0.80 1.81 -23.13
N LYS B 66 -2.04 1.85 -23.60
CA LYS B 66 -2.56 0.83 -24.51
C LYS B 66 -1.73 0.71 -25.80
N ASP B 67 -1.22 -0.48 -26.05
CA ASP B 67 -0.44 -0.80 -27.26
C ASP B 67 0.65 0.22 -27.59
N SER B 68 1.51 0.53 -26.63
CA SER B 68 2.66 1.40 -26.89
C SER B 68 3.89 0.97 -26.09
N THR B 69 5.07 1.23 -26.65
CA THR B 69 6.32 0.84 -26.03
C THR B 69 6.95 1.95 -25.19
N LYS B 70 6.26 3.08 -25.07
CA LYS B 70 6.80 4.22 -24.37
C LYS B 70 6.22 4.35 -22.96
N TRP B 71 7.09 4.54 -21.98
CA TRP B 71 6.67 4.80 -20.61
C TRP B 71 6.03 6.18 -20.48
N ARG B 72 5.06 6.27 -19.58
CA ARG B 72 4.41 7.53 -19.28
C ARG B 72 4.45 7.73 -17.77
N LYS B 73 4.89 8.90 -17.35
CA LYS B 73 4.90 9.25 -15.95
C LYS B 73 3.47 9.36 -15.45
N LEU B 74 3.24 8.83 -14.26
CA LEU B 74 1.94 8.91 -13.65
C LEU B 74 2.11 9.29 -12.19
N VAL B 75 1.53 10.42 -11.82
CA VAL B 75 1.57 10.87 -10.43
C VAL B 75 0.27 10.47 -9.76
N ASP B 76 0.32 9.92 -8.55
CA ASP B 76 -0.93 9.64 -7.88
C ASP B 76 -1.27 10.85 -7.02
N PHE B 77 -2.18 11.66 -7.55
CA PHE B 77 -2.52 12.96 -6.99
C PHE B 77 -3.77 12.93 -6.13
N ARG B 78 -4.29 11.73 -5.86
CA ARG B 78 -5.58 11.60 -5.18
C ARG B 78 -5.66 12.42 -3.89
N GLU B 79 -4.57 12.44 -3.13
CA GLU B 79 -4.52 13.16 -1.87
C GLU B 79 -4.54 14.67 -2.11
N LEU B 80 -3.67 15.13 -3.00
CA LEU B 80 -3.64 16.53 -3.37
C LEU B 80 -5.00 16.95 -3.91
N ASN B 81 -5.57 16.10 -4.76
CA ASN B 81 -6.85 16.39 -5.37
C ASN B 81 -7.97 16.56 -4.35
N LYS B 82 -8.00 15.72 -3.33
CA LYS B 82 -9.06 15.89 -2.34
C LYS B 82 -8.73 17.07 -1.41
N ARG B 83 -7.45 17.42 -1.33
CA ARG B 83 -7.04 18.58 -0.53
C ARG B 83 -7.10 19.89 -1.31
N THR B 84 -7.25 19.80 -2.62
CA THR B 84 -7.25 20.99 -3.48
C THR B 84 -8.63 21.63 -3.50
N GLN B 85 -8.64 22.97 -3.44
CA GLN B 85 -9.87 23.75 -3.45
C GLN B 85 -10.78 23.33 -4.60
N ASP B 86 -12.08 23.28 -4.33
CA ASP B 86 -13.02 23.00 -5.40
C ASP B 86 -13.01 24.16 -6.36
N PHE B 87 -12.77 23.87 -7.63
CA PHE B 87 -12.71 24.91 -8.66
C PHE B 87 -14.07 25.05 -9.32
N TRP B 88 -14.72 26.18 -9.08
CA TRP B 88 -16.04 26.40 -9.64
C TRP B 88 -16.02 27.44 -10.73
N GLU B 89 -16.20 26.97 -11.97
CA GLU B 89 -16.12 27.80 -13.14
C GLU B 89 -17.33 28.73 -13.23
N VAL B 90 -18.39 28.39 -12.49
CA VAL B 90 -19.70 29.04 -12.54
C VAL B 90 -20.04 29.61 -13.92
N ILE B 94 -19.42 22.00 -14.46
CA ILE B 94 -20.01 21.34 -15.62
C ILE B 94 -21.09 20.35 -15.18
N PRO B 95 -22.25 20.38 -15.86
CA PRO B 95 -23.38 19.47 -15.64
C PRO B 95 -23.10 18.05 -16.14
N HIS B 96 -22.08 17.95 -17.00
CA HIS B 96 -21.67 16.76 -17.72
C HIS B 96 -22.72 16.43 -18.80
N PRO B 97 -22.26 15.99 -19.98
CA PRO B 97 -23.17 15.66 -21.08
C PRO B 97 -23.91 14.35 -20.87
N ALA B 98 -25.22 14.33 -21.05
CA ALA B 98 -25.99 13.10 -20.90
C ALA B 98 -25.99 12.35 -22.22
N GLY B 99 -25.62 13.03 -23.29
CA GLY B 99 -25.68 12.46 -24.62
C GLY B 99 -24.44 11.67 -25.00
N LEU B 100 -23.39 11.83 -24.21
CA LEU B 100 -22.12 11.15 -24.48
C LEU B 100 -22.30 9.63 -24.51
N LYS B 101 -23.00 9.09 -23.52
CA LYS B 101 -23.22 7.64 -23.43
C LYS B 101 -24.17 7.14 -24.50
N LYS B 102 -24.93 8.05 -25.12
CA LYS B 102 -25.89 7.67 -26.14
C LYS B 102 -25.27 7.60 -27.54
N LYS B 103 -24.06 8.13 -27.69
CA LYS B 103 -23.40 8.16 -28.98
C LYS B 103 -22.87 6.79 -29.40
N LYS B 104 -22.77 6.58 -30.70
CA LYS B 104 -22.39 5.27 -31.25
C LYS B 104 -20.95 4.90 -30.95
N SER B 105 -20.03 5.85 -31.10
CA SER B 105 -18.63 5.60 -30.80
C SER B 105 -17.98 6.77 -30.09
N VAL B 106 -17.30 6.49 -28.98
CA VAL B 106 -16.54 7.50 -28.27
C VAL B 106 -15.06 7.15 -28.28
N THR B 107 -14.23 8.07 -28.74
CA THR B 107 -12.79 7.85 -28.74
C THR B 107 -12.14 8.64 -27.60
N VAL B 108 -11.31 7.97 -26.82
CA VAL B 108 -10.61 8.62 -25.72
C VAL B 108 -9.20 8.97 -26.16
N LEU B 109 -8.87 10.26 -26.00
CA LEU B 109 -7.58 10.82 -26.37
C LEU B 109 -6.83 11.29 -25.14
N ASP B 110 -5.51 11.14 -25.16
CA ASP B 110 -4.70 11.67 -24.08
C ASP B 110 -4.24 13.07 -24.47
N VAL B 111 -4.85 14.07 -23.84
CA VAL B 111 -4.56 15.47 -24.12
C VAL B 111 -3.64 16.11 -23.06
N GLY B 112 -3.18 15.29 -22.12
CA GLY B 112 -2.42 15.79 -20.98
C GLY B 112 -1.25 16.72 -21.30
N ASP B 113 -0.53 16.44 -22.38
CA ASP B 113 0.60 17.26 -22.80
C ASP B 113 0.27 18.75 -22.86
N ALA B 114 -0.93 19.06 -23.33
CA ALA B 114 -1.38 20.44 -23.46
C ALA B 114 -1.22 21.20 -22.14
N TYR B 115 -1.52 20.55 -21.03
CA TYR B 115 -1.46 21.18 -19.71
C TYR B 115 -0.11 21.82 -19.45
N PHE B 116 0.93 21.25 -20.05
CA PHE B 116 2.31 21.67 -19.78
C PHE B 116 2.62 23.05 -20.36
N SER B 117 1.69 23.61 -21.13
CA SER B 117 1.89 24.92 -21.77
C SER B 117 1.47 26.09 -20.87
N VAL B 118 0.80 25.77 -19.77
CA VAL B 118 0.30 26.80 -18.86
C VAL B 118 1.08 26.79 -17.54
N PRO B 119 1.69 27.92 -17.17
CA PRO B 119 2.47 27.98 -15.95
C PRO B 119 1.62 27.74 -14.71
N LEU B 120 2.23 27.25 -13.65
CA LEU B 120 1.52 27.00 -12.41
C LEU B 120 1.77 28.12 -11.41
N ASP B 121 0.75 28.45 -10.63
CA ASP B 121 0.88 29.44 -9.57
C ASP B 121 2.05 29.10 -8.65
N GLU B 122 2.93 30.07 -8.43
CA GLU B 122 4.18 29.87 -7.71
C GLU B 122 3.97 29.26 -6.32
N ASP B 123 3.14 29.92 -5.52
CA ASP B 123 2.94 29.53 -4.14
C ASP B 123 2.28 28.15 -3.99
N PHE B 124 1.68 27.65 -5.07
CA PHE B 124 1.08 26.32 -5.03
C PHE B 124 2.05 25.21 -5.49
N ARG B 125 3.15 25.60 -6.12
CA ARG B 125 4.03 24.62 -6.75
C ARG B 125 4.59 23.63 -5.74
N LYS B 126 4.89 24.12 -4.54
CA LYS B 126 5.47 23.30 -3.50
C LYS B 126 4.62 22.07 -3.20
N TYR B 127 3.31 22.18 -3.45
CA TYR B 127 2.38 21.11 -3.10
C TYR B 127 2.41 19.96 -4.10
N THR B 128 3.03 20.18 -5.26
CA THR B 128 3.13 19.16 -6.30
C THR B 128 4.43 18.36 -6.19
N ALA B 129 5.17 18.54 -5.11
CA ALA B 129 6.45 17.86 -4.90
C ALA B 129 6.36 16.34 -5.04
N PHE B 130 7.32 15.75 -5.74
CA PHE B 130 7.41 14.29 -5.82
C PHE B 130 8.86 13.81 -5.79
N THR B 131 9.02 12.51 -5.51
CA THR B 131 10.33 11.91 -5.38
C THR B 131 10.56 10.73 -6.32
N ILE B 132 11.66 10.76 -7.06
CA ILE B 132 12.13 9.56 -7.74
C ILE B 132 13.05 8.81 -6.80
N PRO B 133 12.61 7.65 -6.30
CA PRO B 133 13.42 6.89 -5.35
C PRO B 133 14.58 6.17 -6.03
N SER B 134 15.57 5.79 -5.24
CA SER B 134 16.66 4.97 -5.74
C SER B 134 16.52 3.58 -5.17
N ILE B 135 17.03 2.59 -5.89
CA ILE B 135 17.03 1.21 -5.43
C ILE B 135 17.79 1.11 -4.11
N ASN B 136 17.17 0.46 -3.12
CA ASN B 136 17.76 0.25 -1.80
C ASN B 136 18.12 1.56 -1.10
N ASN B 137 17.50 2.66 -1.55
CA ASN B 137 17.78 4.00 -1.02
C ASN B 137 19.28 4.30 -0.84
N GLU B 138 20.07 3.95 -1.84
CA GLU B 138 21.52 4.10 -1.76
C GLU B 138 21.98 5.50 -2.13
N THR B 139 21.14 6.22 -2.87
CA THR B 139 21.38 7.63 -3.18
C THR B 139 20.12 8.39 -2.84
N PRO B 140 20.26 9.67 -2.48
CA PRO B 140 19.08 10.47 -2.12
C PRO B 140 18.05 10.47 -3.26
N GLY B 141 16.78 10.35 -2.90
CA GLY B 141 15.72 10.44 -3.90
C GLY B 141 15.77 11.77 -4.63
N ILE B 142 15.61 11.74 -5.95
CA ILE B 142 15.62 12.99 -6.70
C ILE B 142 14.28 13.70 -6.50
N ARG B 143 14.34 14.93 -5.98
CA ARG B 143 13.12 15.64 -5.64
C ARG B 143 12.78 16.69 -6.68
N TYR B 144 11.50 16.74 -7.06
CA TYR B 144 11.06 17.71 -8.05
C TYR B 144 9.77 18.38 -7.61
N GLN B 145 9.48 19.52 -8.25
CA GLN B 145 8.14 20.11 -8.20
C GLN B 145 7.78 20.63 -9.58
N TYR B 146 6.48 20.88 -9.79
CA TYR B 146 5.97 21.29 -11.09
C TYR B 146 5.96 22.79 -11.29
N ASN B 147 6.46 23.25 -12.44
CA ASN B 147 6.39 24.65 -12.80
C ASN B 147 5.14 24.95 -13.63
N VAL B 148 4.51 23.88 -14.12
CA VAL B 148 3.37 24.00 -15.00
C VAL B 148 2.25 23.10 -14.50
N LEU B 149 1.10 23.14 -15.18
CA LEU B 149 -0.02 22.29 -14.81
C LEU B 149 0.37 20.83 -15.00
N PRO B 150 0.41 20.07 -13.89
CA PRO B 150 0.79 18.65 -13.97
C PRO B 150 -0.35 17.77 -14.46
N GLN B 151 0.00 16.67 -15.12
CA GLN B 151 -1.00 15.68 -15.50
C GLN B 151 -1.55 14.99 -14.27
N GLY B 152 -2.86 14.80 -14.24
CA GLY B 152 -3.49 14.05 -13.16
C GLY B 152 -3.99 14.89 -11.99
N TRP B 153 -3.68 16.18 -12.01
CA TRP B 153 -4.15 17.07 -10.96
C TRP B 153 -5.53 17.65 -11.28
N LYS B 154 -6.38 17.73 -10.27
CA LYS B 154 -7.75 18.24 -10.42
C LYS B 154 -7.81 19.62 -11.06
N GLY B 155 -6.86 20.48 -10.68
CA GLY B 155 -6.86 21.86 -11.12
C GLY B 155 -6.44 22.07 -12.56
N SER B 156 -5.81 21.06 -13.16
CA SER B 156 -5.30 21.23 -14.51
C SER B 156 -6.40 21.37 -15.57
N PRO B 157 -7.41 20.46 -15.59
CA PRO B 157 -8.48 20.69 -16.57
C PRO B 157 -9.32 21.92 -16.25
N ALA B 158 -9.56 22.17 -14.98
CA ALA B 158 -10.35 23.32 -14.54
C ALA B 158 -9.71 24.63 -14.99
N ILE B 159 -8.40 24.72 -14.83
CA ILE B 159 -7.66 25.91 -15.21
C ILE B 159 -7.53 26.01 -16.72
N PHE B 160 -7.23 24.90 -17.37
CA PHE B 160 -6.98 24.89 -18.81
C PHE B 160 -8.27 24.98 -19.63
N GLN B 161 -9.41 24.91 -18.95
CA GLN B 161 -10.71 24.84 -19.61
C GLN B 161 -10.95 25.97 -20.60
N SER B 162 -10.65 27.20 -20.17
CA SER B 162 -10.84 28.38 -21.01
C SER B 162 -10.02 28.28 -22.30
N SER B 163 -8.82 27.74 -22.19
CA SER B 163 -7.96 27.55 -23.35
C SER B 163 -8.50 26.44 -24.25
N MET B 164 -8.96 25.36 -23.64
CA MET B 164 -9.43 24.19 -24.37
C MET B 164 -10.67 24.51 -25.20
N THR B 165 -11.63 25.20 -24.58
CA THR B 165 -12.86 25.59 -25.28
C THR B 165 -12.55 26.46 -26.49
N LYS B 166 -11.59 27.38 -26.34
CA LYS B 166 -11.18 28.26 -27.43
C LYS B 166 -10.46 27.49 -28.53
N ILE B 167 -9.64 26.51 -28.15
CA ILE B 167 -8.91 25.71 -29.12
C ILE B 167 -9.89 24.91 -29.99
N LEU B 168 -10.94 24.41 -29.38
CA LEU B 168 -11.88 23.51 -30.06
C LEU B 168 -13.10 24.20 -30.66
N GLU B 169 -13.15 25.53 -30.60
CA GLU B 169 -14.28 26.28 -31.17
C GLU B 169 -14.54 25.96 -32.65
N PRO B 170 -13.50 26.00 -33.50
CA PRO B 170 -13.78 25.68 -34.91
C PRO B 170 -14.33 24.28 -35.12
N PHE B 171 -13.72 23.28 -34.48
CA PHE B 171 -14.13 21.89 -34.64
C PHE B 171 -15.56 21.67 -34.15
N LYS B 172 -15.87 22.21 -32.98
CA LYS B 172 -17.21 22.07 -32.41
C LYS B 172 -18.25 22.78 -33.26
N LYS B 173 -17.94 23.99 -33.70
CA LYS B 173 -18.86 24.78 -34.51
C LYS B 173 -19.12 24.14 -35.87
N GLN B 174 -18.09 23.53 -36.46
CA GLN B 174 -18.25 22.89 -37.76
C GLN B 174 -18.68 21.41 -37.65
N ASN B 175 -18.57 20.83 -36.46
CA ASN B 175 -19.10 19.49 -36.21
C ASN B 175 -20.06 19.49 -35.03
N PRO B 176 -21.28 20.02 -35.25
CA PRO B 176 -22.24 20.33 -34.18
C PRO B 176 -22.82 19.11 -33.47
N ASP B 177 -22.80 17.95 -34.12
CA ASP B 177 -23.39 16.75 -33.54
C ASP B 177 -22.38 15.92 -32.74
N ILE B 178 -21.11 16.27 -32.85
CA ILE B 178 -20.05 15.58 -32.11
C ILE B 178 -20.04 16.01 -30.65
N VAL B 179 -20.10 15.05 -29.75
CA VAL B 179 -20.12 15.37 -28.32
C VAL B 179 -18.73 15.25 -27.73
N ILE B 180 -18.26 16.33 -27.13
CA ILE B 180 -16.92 16.36 -26.55
C ILE B 180 -16.99 16.54 -25.04
N TYR B 181 -16.34 15.64 -24.31
CA TYR B 181 -16.28 15.75 -22.86
C TYR B 181 -14.84 15.65 -22.37
N GLN B 182 -14.49 16.40 -21.34
CA GLN B 182 -13.13 16.34 -20.83
C GLN B 182 -13.11 15.85 -19.39
N TYR B 183 -12.34 14.81 -19.12
CA TYR B 183 -12.15 14.38 -17.74
C TYR B 183 -10.68 14.16 -17.45
N MET B 184 -10.15 14.96 -16.52
CA MET B 184 -8.73 14.95 -16.20
C MET B 184 -7.88 15.11 -17.45
N ASP B 185 -7.05 14.11 -17.72
CA ASP B 185 -6.12 14.12 -18.85
C ASP B 185 -6.76 13.66 -20.15
N ASP B 186 -8.03 13.28 -20.08
CA ASP B 186 -8.69 12.61 -21.20
C ASP B 186 -9.72 13.46 -21.92
N LEU B 187 -9.74 13.28 -23.24
CA LEU B 187 -10.78 13.88 -24.05
C LEU B 187 -11.62 12.77 -24.68
N TYR B 188 -12.91 12.76 -24.36
CA TYR B 188 -13.86 11.80 -24.88
C TYR B 188 -14.63 12.41 -26.05
N VAL B 189 -14.44 11.87 -27.24
CA VAL B 189 -15.12 12.40 -28.42
C VAL B 189 -16.10 11.38 -28.98
N GLY B 190 -17.40 11.61 -28.76
CA GLY B 190 -18.43 10.77 -29.33
C GLY B 190 -19.04 11.26 -30.62
N SER B 191 -19.44 10.31 -31.46
CA SER B 191 -20.15 10.58 -32.71
C SER B 191 -20.89 9.32 -33.16
N ASP B 192 -21.89 9.52 -34.02
CA ASP B 192 -22.67 8.40 -34.55
C ASP B 192 -22.21 7.94 -35.93
N LEU B 193 -21.13 8.53 -36.42
CA LEU B 193 -20.67 8.26 -37.78
C LEU B 193 -20.10 6.85 -37.95
N GLU B 194 -19.68 6.54 -39.17
CA GLU B 194 -19.08 5.25 -39.47
C GLU B 194 -17.67 5.20 -38.90
N ILE B 195 -17.25 4.03 -38.44
CA ILE B 195 -15.99 3.86 -37.71
C ILE B 195 -14.77 4.44 -38.44
N GLY B 196 -14.68 4.24 -39.76
CA GLY B 196 -13.59 4.79 -40.54
C GLY B 196 -13.66 6.30 -40.63
N GLN B 197 -14.85 6.80 -40.97
CA GLN B 197 -15.12 8.24 -41.00
C GLN B 197 -14.88 8.83 -39.61
N HIS B 198 -15.27 8.06 -38.59
CA HIS B 198 -15.04 8.45 -37.21
C HIS B 198 -13.56 8.64 -36.93
N ARG B 199 -12.75 7.65 -37.29
CA ARG B 199 -11.31 7.70 -37.08
C ARG B 199 -10.69 8.88 -37.82
N THR B 200 -11.19 9.15 -39.02
CA THR B 200 -10.70 10.29 -39.79
C THR B 200 -11.06 11.62 -39.12
N LYS B 201 -12.24 11.69 -38.50
CA LYS B 201 -12.64 12.91 -37.79
C LYS B 201 -11.84 13.10 -36.49
N ILE B 202 -11.53 11.99 -35.82
CA ILE B 202 -10.69 12.02 -34.63
C ILE B 202 -9.28 12.51 -35.00
N GLU B 203 -8.76 11.97 -36.09
CA GLU B 203 -7.46 12.40 -36.61
C GLU B 203 -7.49 13.88 -36.95
N GLU B 204 -8.60 14.31 -37.55
CA GLU B 204 -8.83 15.72 -37.83
C GLU B 204 -8.71 16.54 -36.55
N LEU B 205 -9.28 16.02 -35.46
CA LEU B 205 -9.27 16.71 -34.18
C LEU B 205 -7.88 16.76 -33.55
N ARG B 206 -7.12 15.68 -33.68
CA ARG B 206 -5.81 15.62 -33.04
C ARG B 206 -4.77 16.42 -33.83
N GLN B 207 -4.99 16.57 -35.14
CA GLN B 207 -4.13 17.44 -35.94
C GLN B 207 -4.53 18.88 -35.66
N HIS B 208 -5.83 19.07 -35.43
CA HIS B 208 -6.36 20.36 -35.00
C HIS B 208 -5.73 20.77 -33.68
N LEU B 209 -5.40 19.79 -32.84
CA LEU B 209 -4.74 20.02 -31.57
C LEU B 209 -3.24 20.25 -31.74
N LEU B 210 -2.62 19.46 -32.62
CA LEU B 210 -1.19 19.56 -32.87
C LEU B 210 -0.84 20.92 -33.44
N ARG B 211 -1.70 21.44 -34.31
CA ARG B 211 -1.49 22.76 -34.91
C ARG B 211 -1.54 23.87 -33.88
N TRP B 212 -2.52 23.81 -32.99
CA TRP B 212 -2.74 24.88 -32.01
C TRP B 212 -1.90 24.67 -30.76
N GLY B 213 -1.07 23.63 -30.78
CA GLY B 213 -0.22 23.31 -29.64
C GLY B 213 -0.60 21.99 -29.00
N PHE B 227 1.80 12.35 -26.08
CA PHE B 227 1.44 11.30 -27.02
C PHE B 227 -0.07 11.24 -27.24
N LEU B 228 -0.58 12.19 -28.02
CA LEU B 228 -2.03 12.30 -28.27
C LEU B 228 -2.50 11.49 -29.47
N TRP B 229 -1.56 10.88 -30.19
CA TRP B 229 -1.90 10.13 -31.40
C TRP B 229 -2.67 8.85 -31.09
N MET B 230 -2.61 8.40 -29.85
CA MET B 230 -3.32 7.20 -29.41
C MET B 230 -4.82 7.43 -29.38
N GLY B 231 -5.58 6.35 -29.38
CA GLY B 231 -7.01 6.46 -29.17
C GLY B 231 -7.61 5.21 -28.56
N TYR B 232 -8.71 5.39 -27.84
CA TYR B 232 -9.38 4.28 -27.16
C TYR B 232 -10.86 4.27 -27.57
N GLU B 233 -11.29 3.28 -28.33
CA GLU B 233 -12.63 3.33 -28.89
C GLU B 233 -13.65 2.50 -28.10
N LEU B 234 -14.60 3.21 -27.51
CA LEU B 234 -15.71 2.62 -26.77
C LEU B 234 -16.97 2.73 -27.62
N HIS B 235 -17.89 1.77 -27.46
CA HIS B 235 -19.17 1.84 -28.14
C HIS B 235 -20.30 1.74 -27.13
N PRO B 236 -20.59 2.86 -26.45
CA PRO B 236 -21.53 2.94 -25.33
C PRO B 236 -22.92 2.41 -25.64
N ASP B 237 -23.38 2.57 -26.86
CA ASP B 237 -24.71 2.09 -27.26
C ASP B 237 -24.81 0.57 -27.21
N LYS B 238 -23.66 -0.08 -27.22
CA LYS B 238 -23.58 -1.54 -27.17
C LYS B 238 -23.39 -2.06 -25.75
N TRP B 239 -23.41 -1.16 -24.76
CA TRP B 239 -23.25 -1.56 -23.36
C TRP B 239 -24.51 -2.26 -22.86
N THR B 240 -24.33 -3.49 -22.38
CA THR B 240 -25.38 -4.51 -22.26
C THR B 240 -26.33 -4.45 -21.05
N VAL B 241 -25.79 -3.96 -19.93
CA VAL B 241 -26.29 -4.06 -18.55
C VAL B 241 -26.68 -5.51 -18.13
N GLN B 242 -27.51 -5.66 -17.09
CA GLN B 242 -27.84 -6.99 -16.54
C GLN B 242 -29.18 -7.11 -15.79
N PRO B 243 -30.30 -7.26 -16.48
CA PRO B 243 -31.52 -7.52 -15.69
C PRO B 243 -31.45 -8.82 -14.88
N ILE B 244 -32.24 -8.93 -13.81
CA ILE B 244 -32.28 -10.15 -13.01
C ILE B 244 -33.11 -11.21 -13.71
N VAL B 245 -32.50 -12.39 -13.93
CA VAL B 245 -33.22 -13.46 -14.60
C VAL B 245 -33.34 -14.70 -13.70
N LEU B 246 -34.42 -15.43 -13.89
CA LEU B 246 -34.66 -16.66 -13.13
C LEU B 246 -34.59 -17.83 -14.10
N PRO B 247 -34.21 -19.01 -13.62
CA PRO B 247 -34.08 -20.15 -14.54
C PRO B 247 -35.40 -20.59 -15.14
N GLU B 248 -35.36 -21.10 -16.36
CA GLU B 248 -36.48 -21.80 -16.98
C GLU B 248 -36.13 -23.27 -17.06
N LYS B 249 -36.87 -24.09 -16.33
CA LYS B 249 -36.57 -25.52 -16.24
C LYS B 249 -37.82 -26.36 -16.48
N ASP B 250 -37.62 -27.55 -17.02
CA ASP B 250 -38.69 -28.55 -17.13
C ASP B 250 -38.85 -29.36 -15.84
N SER B 251 -37.73 -29.62 -15.17
CA SER B 251 -37.77 -30.37 -13.92
C SER B 251 -36.88 -29.70 -12.89
N TRP B 252 -37.49 -29.34 -11.76
CA TRP B 252 -36.79 -28.66 -10.67
C TRP B 252 -36.46 -29.62 -9.53
N THR B 253 -35.22 -29.62 -9.07
CA THR B 253 -34.86 -30.40 -7.90
C THR B 253 -35.17 -29.59 -6.64
N VAL B 254 -35.00 -30.20 -5.48
CA VAL B 254 -35.16 -29.48 -4.22
C VAL B 254 -34.12 -28.38 -4.14
N ASN B 255 -32.91 -28.71 -4.56
CA ASN B 255 -31.82 -27.76 -4.60
C ASN B 255 -32.10 -26.57 -5.52
N ASP B 256 -32.60 -26.85 -6.73
CA ASP B 256 -32.97 -25.82 -7.70
C ASP B 256 -33.96 -24.83 -7.09
N ILE B 257 -35.00 -25.38 -6.46
CA ILE B 257 -36.04 -24.56 -5.84
C ILE B 257 -35.51 -23.77 -4.64
N GLN B 258 -34.58 -24.36 -3.89
CA GLN B 258 -33.97 -23.66 -2.77
C GLN B 258 -33.15 -22.46 -3.27
N LYS B 259 -32.44 -22.65 -4.37
CA LYS B 259 -31.59 -21.58 -4.89
C LYS B 259 -32.48 -20.49 -5.44
N LEU B 260 -33.56 -20.90 -6.10
CA LEU B 260 -34.54 -19.98 -6.64
C LEU B 260 -35.17 -19.12 -5.54
N VAL B 261 -35.56 -19.78 -4.46
CA VAL B 261 -36.15 -19.07 -3.33
C VAL B 261 -35.14 -18.11 -2.69
N GLY B 262 -33.89 -18.54 -2.56
CA GLY B 262 -32.85 -17.65 -2.06
C GLY B 262 -32.72 -16.40 -2.92
N LYS B 263 -32.61 -16.61 -4.23
CA LYS B 263 -32.51 -15.52 -5.18
C LYS B 263 -33.73 -14.58 -5.12
N LEU B 264 -34.94 -15.14 -5.01
CA LEU B 264 -36.14 -14.32 -4.98
C LEU B 264 -36.24 -13.51 -3.68
N ASN B 265 -35.82 -14.13 -2.58
CA ASN B 265 -35.74 -13.45 -1.30
C ASN B 265 -34.80 -12.26 -1.38
N TRP B 266 -33.68 -12.46 -2.05
CA TRP B 266 -32.73 -11.38 -2.27
C TRP B 266 -33.30 -10.29 -3.19
N ALA B 267 -34.04 -10.68 -4.21
CA ALA B 267 -34.64 -9.72 -5.12
C ALA B 267 -35.72 -8.88 -4.42
N SER B 268 -36.38 -9.46 -3.43
CA SER B 268 -37.45 -8.78 -2.70
C SER B 268 -36.98 -7.59 -1.86
N GLN B 269 -35.67 -7.44 -1.68
CA GLN B 269 -35.12 -6.24 -1.03
C GLN B 269 -35.03 -5.10 -2.04
N ILE B 270 -35.14 -5.47 -3.30
CA ILE B 270 -35.01 -4.54 -4.42
C ILE B 270 -36.41 -4.28 -4.97
N TYR B 271 -37.06 -5.35 -5.42
CA TYR B 271 -38.40 -5.28 -5.99
C TYR B 271 -39.49 -5.63 -4.99
N PRO B 272 -40.44 -4.70 -4.79
CA PRO B 272 -41.47 -4.78 -3.74
C PRO B 272 -42.35 -6.05 -3.76
N GLY B 273 -42.88 -6.44 -4.91
CA GLY B 273 -43.92 -7.46 -4.94
C GLY B 273 -43.51 -8.94 -4.98
N ILE B 274 -42.23 -9.23 -4.79
CA ILE B 274 -41.74 -10.62 -4.86
C ILE B 274 -42.37 -11.52 -3.79
N LYS B 275 -42.92 -12.65 -4.22
CA LYS B 275 -43.53 -13.63 -3.31
C LYS B 275 -42.88 -15.00 -3.44
N VAL B 276 -42.43 -15.58 -2.33
CA VAL B 276 -41.92 -16.96 -2.32
C VAL B 276 -42.82 -18.05 -1.71
N ARG B 277 -44.00 -17.66 -1.21
CA ARG B 277 -44.82 -18.57 -0.39
C ARG B 277 -45.17 -19.91 -1.06
N GLN B 278 -45.77 -19.84 -2.25
CA GLN B 278 -46.15 -21.05 -2.97
C GLN B 278 -44.93 -21.89 -3.33
N LEU B 279 -43.87 -21.24 -3.79
CA LEU B 279 -42.62 -21.92 -4.11
C LEU B 279 -42.05 -22.55 -2.85
N SER B 280 -42.16 -21.85 -1.73
CA SER B 280 -41.69 -22.37 -0.45
C SER B 280 -42.48 -23.61 -0.02
N LYS B 281 -43.75 -23.66 -0.39
CA LYS B 281 -44.62 -24.78 -0.01
C LYS B 281 -44.12 -26.11 -0.57
N LEU B 282 -43.20 -26.03 -1.53
CA LEU B 282 -42.60 -27.23 -2.09
C LEU B 282 -41.40 -27.67 -1.26
N LEU B 283 -40.90 -26.76 -0.43
CA LEU B 283 -39.71 -27.01 0.38
C LEU B 283 -40.06 -27.43 1.81
N ARG B 284 -41.36 -27.53 2.09
CA ARG B 284 -41.80 -28.10 3.35
C ARG B 284 -41.57 -29.61 3.25
N GLY B 285 -41.26 -30.24 4.38
CA GLY B 285 -40.87 -31.64 4.37
C GLY B 285 -39.38 -31.73 4.14
N THR B 286 -38.76 -32.79 4.64
CA THR B 286 -37.33 -32.91 4.51
C THR B 286 -36.99 -33.91 3.40
N LYS B 287 -36.55 -33.37 2.27
CA LYS B 287 -36.34 -34.18 1.08
C LYS B 287 -34.89 -34.19 0.65
N ALA B 288 -34.50 -35.26 -0.04
CA ALA B 288 -33.23 -35.31 -0.75
C ALA B 288 -33.05 -34.09 -1.66
N LEU B 289 -31.85 -33.51 -1.66
CA LEU B 289 -31.58 -32.31 -2.45
C LEU B 289 -31.73 -32.50 -3.95
N THR B 290 -31.47 -33.71 -4.44
CA THR B 290 -31.49 -33.99 -5.87
C THR B 290 -32.84 -34.54 -6.35
N GLU B 291 -33.77 -34.69 -5.43
CA GLU B 291 -35.10 -35.19 -5.78
C GLU B 291 -35.87 -34.15 -6.58
N VAL B 292 -36.47 -34.59 -7.68
CA VAL B 292 -37.23 -33.68 -8.55
C VAL B 292 -38.61 -33.40 -7.97
N ILE B 293 -38.96 -32.12 -7.91
CA ILE B 293 -40.26 -31.69 -7.42
C ILE B 293 -41.06 -31.05 -8.55
N PRO B 294 -42.16 -31.71 -8.95
CA PRO B 294 -43.05 -31.05 -9.92
C PRO B 294 -43.64 -29.78 -9.34
N LEU B 295 -43.63 -28.69 -10.10
CA LEU B 295 -44.21 -27.45 -9.62
C LEU B 295 -45.74 -27.53 -9.59
N THR B 296 -46.35 -27.03 -8.52
CA THR B 296 -47.79 -26.86 -8.49
C THR B 296 -48.18 -25.68 -9.39
N GLU B 297 -49.47 -25.43 -9.51
CA GLU B 297 -49.95 -24.36 -10.38
C GLU B 297 -49.77 -23.01 -9.69
N GLU B 298 -50.02 -22.99 -8.39
CA GLU B 298 -49.85 -21.78 -7.61
C GLU B 298 -48.39 -21.38 -7.58
N ALA B 299 -47.51 -22.37 -7.59
CA ALA B 299 -46.08 -22.13 -7.56
C ALA B 299 -45.60 -21.59 -8.91
N GLU B 300 -46.10 -22.16 -10.00
CA GLU B 300 -45.76 -21.71 -11.34
C GLU B 300 -46.29 -20.31 -11.61
N LEU B 301 -47.45 -20.01 -11.02
CA LEU B 301 -48.06 -18.70 -11.16
C LEU B 301 -47.26 -17.67 -10.37
N GLU B 302 -46.86 -18.06 -9.16
CA GLU B 302 -46.00 -17.20 -8.35
C GLU B 302 -44.69 -16.91 -9.08
N LEU B 303 -44.09 -17.96 -9.66
CA LEU B 303 -42.88 -17.81 -10.45
C LEU B 303 -43.10 -16.85 -11.63
N ALA B 304 -44.21 -17.03 -12.34
CA ALA B 304 -44.52 -16.19 -13.50
C ALA B 304 -44.67 -14.72 -13.11
N GLU B 305 -45.42 -14.49 -12.04
CA GLU B 305 -45.61 -13.15 -11.51
C GLU B 305 -44.29 -12.49 -11.08
N ASN B 306 -43.44 -13.26 -10.42
CA ASN B 306 -42.10 -12.77 -10.05
C ASN B 306 -41.29 -12.41 -11.28
N ARG B 307 -41.36 -13.27 -12.29
CA ARG B 307 -40.66 -13.05 -13.54
C ARG B 307 -41.13 -11.75 -14.19
N GLU B 308 -42.44 -11.49 -14.10
CA GLU B 308 -43.02 -10.26 -14.62
C GLU B 308 -42.47 -9.04 -13.88
N ILE B 309 -42.58 -9.07 -12.56
CA ILE B 309 -42.05 -8.00 -11.72
C ILE B 309 -40.60 -7.68 -12.05
N LEU B 310 -39.80 -8.72 -12.30
CA LEU B 310 -38.38 -8.51 -12.56
C LEU B 310 -38.09 -7.87 -13.92
N LYS B 311 -39.10 -7.73 -14.77
CA LYS B 311 -38.89 -7.11 -16.08
C LYS B 311 -39.02 -5.59 -16.00
N GLU B 312 -39.58 -5.10 -14.91
CA GLU B 312 -39.74 -3.67 -14.70
C GLU B 312 -38.47 -3.11 -14.07
N PRO B 313 -38.21 -1.81 -14.27
CA PRO B 313 -37.05 -1.19 -13.63
C PRO B 313 -37.26 -1.03 -12.12
N VAL B 314 -36.19 -0.77 -11.38
CA VAL B 314 -36.28 -0.62 -9.94
C VAL B 314 -36.92 0.72 -9.57
N HIS B 315 -37.76 0.71 -8.53
CA HIS B 315 -38.50 1.89 -8.12
C HIS B 315 -37.62 2.85 -7.33
N GLY B 316 -37.70 4.14 -7.64
CA GLY B 316 -37.04 5.17 -6.88
C GLY B 316 -35.54 5.23 -7.11
N VAL B 317 -35.12 5.05 -8.35
CA VAL B 317 -33.70 5.06 -8.66
C VAL B 317 -33.30 6.35 -9.36
N TYR B 318 -32.51 7.15 -8.66
CA TYR B 318 -32.07 8.43 -9.17
C TYR B 318 -30.58 8.64 -8.89
N TYR B 319 -29.91 9.38 -9.78
CA TYR B 319 -28.54 9.78 -9.52
C TYR B 319 -28.50 11.12 -8.78
N ASP B 320 -27.68 11.19 -7.74
CA ASP B 320 -27.43 12.44 -7.02
C ASP B 320 -25.95 12.81 -7.12
N PRO B 321 -25.64 13.89 -7.86
CA PRO B 321 -24.26 14.36 -8.11
C PRO B 321 -23.50 14.70 -6.83
N SER B 322 -24.22 14.96 -5.74
CA SER B 322 -23.60 15.31 -4.48
C SER B 322 -23.12 14.08 -3.70
N LYS B 323 -23.43 12.90 -4.21
CA LYS B 323 -23.12 11.65 -3.50
C LYS B 323 -22.09 10.82 -4.22
N ASP B 324 -21.37 10.00 -3.46
CA ASP B 324 -20.42 9.06 -4.03
C ASP B 324 -21.09 7.98 -4.85
N LEU B 325 -20.45 7.61 -5.95
CA LEU B 325 -20.77 6.39 -6.66
C LEU B 325 -19.97 5.23 -6.06
N ILE B 326 -20.65 4.11 -5.81
CA ILE B 326 -20.04 2.93 -5.21
C ILE B 326 -20.11 1.75 -6.17
N ALA B 327 -18.96 1.11 -6.40
CA ALA B 327 -18.88 -0.03 -7.30
C ALA B 327 -18.43 -1.29 -6.59
N GLU B 328 -19.21 -2.36 -6.74
CA GLU B 328 -18.87 -3.67 -6.22
C GLU B 328 -18.56 -4.64 -7.35
N ILE B 329 -17.53 -5.45 -7.15
CA ILE B 329 -17.09 -6.44 -8.15
C ILE B 329 -17.07 -7.86 -7.54
N GLN B 330 -17.68 -8.83 -8.21
CA GLN B 330 -17.56 -10.22 -7.79
C GLN B 330 -16.79 -11.04 -8.83
N LYS B 331 -15.87 -11.86 -8.34
CA LYS B 331 -15.20 -12.85 -9.17
C LYS B 331 -16.13 -14.06 -9.35
N GLN B 332 -16.52 -14.33 -10.60
CA GLN B 332 -17.43 -15.43 -10.89
C GLN B 332 -16.71 -16.69 -11.37
N GLY B 333 -15.39 -16.60 -11.53
CA GLY B 333 -14.61 -17.72 -12.02
C GLY B 333 -14.52 -17.76 -13.53
N GLN B 334 -13.56 -18.52 -14.05
CA GLN B 334 -13.37 -18.69 -15.48
C GLN B 334 -13.21 -17.37 -16.23
N GLY B 335 -12.58 -16.40 -15.58
CA GLY B 335 -12.33 -15.10 -16.20
C GLY B 335 -13.53 -14.18 -16.29
N GLN B 336 -14.58 -14.53 -15.56
CA GLN B 336 -15.81 -13.73 -15.58
C GLN B 336 -15.96 -12.92 -14.31
N TRP B 337 -16.40 -11.67 -14.47
CA TRP B 337 -16.54 -10.75 -13.35
C TRP B 337 -17.87 -10.02 -13.45
N THR B 338 -18.57 -9.89 -12.33
CA THR B 338 -19.82 -9.13 -12.35
C THR B 338 -19.61 -7.85 -11.57
N TYR B 339 -20.34 -6.79 -11.91
CA TYR B 339 -20.22 -5.57 -11.14
C TYR B 339 -21.53 -4.78 -11.04
N GLN B 340 -21.62 -3.96 -9.99
CA GLN B 340 -22.78 -3.10 -9.76
C GLN B 340 -22.30 -1.74 -9.30
N ILE B 341 -22.86 -0.70 -9.91
CA ILE B 341 -22.67 0.68 -9.49
C ILE B 341 -23.98 1.22 -8.93
N TYR B 342 -23.89 1.77 -7.72
CA TYR B 342 -25.04 2.32 -7.02
C TYR B 342 -24.61 3.44 -6.09
N GLN B 343 -25.58 4.22 -5.61
CA GLN B 343 -25.35 5.25 -4.60
C GLN B 343 -25.95 4.75 -3.30
N GLU B 344 -27.19 4.28 -3.37
CA GLU B 344 -27.86 3.71 -2.21
C GLU B 344 -28.00 2.20 -2.40
N PRO B 345 -27.93 1.44 -1.31
CA PRO B 345 -28.06 -0.02 -1.36
C PRO B 345 -29.38 -0.46 -1.99
N PHE B 346 -29.29 -1.48 -2.85
CA PHE B 346 -30.41 -2.02 -3.60
C PHE B 346 -31.08 -1.00 -4.51
N LYS B 347 -30.40 0.09 -4.81
CA LYS B 347 -30.79 0.90 -5.94
C LYS B 347 -29.65 0.95 -6.92
N ASN B 348 -29.69 0.12 -7.95
CA ASN B 348 -28.56 0.00 -8.84
C ASN B 348 -28.71 0.96 -9.99
N LEU B 349 -27.70 1.82 -10.17
CA LEU B 349 -27.64 2.73 -11.30
C LEU B 349 -27.18 1.99 -12.54
N LYS B 350 -26.22 1.08 -12.36
CA LYS B 350 -25.78 0.26 -13.49
C LYS B 350 -25.27 -1.11 -13.03
N THR B 351 -25.53 -2.15 -13.80
CA THR B 351 -24.92 -3.45 -13.53
C THR B 351 -24.28 -3.97 -14.80
N GLY B 352 -23.26 -4.82 -14.66
CA GLY B 352 -22.61 -5.36 -15.84
C GLY B 352 -21.84 -6.65 -15.61
N LYS B 353 -21.34 -7.21 -16.72
CA LYS B 353 -20.57 -8.45 -16.66
C LYS B 353 -19.47 -8.47 -17.70
N TYR B 354 -18.30 -8.98 -17.31
CA TYR B 354 -17.15 -9.11 -18.19
C TYR B 354 -16.72 -10.56 -18.30
N ALA B 355 -16.80 -11.12 -19.50
CA ALA B 355 -16.22 -12.44 -19.75
C ALA B 355 -14.84 -12.28 -20.39
N ARG B 356 -14.40 -11.02 -20.51
CA ARG B 356 -13.23 -10.67 -21.32
C ARG B 356 -11.97 -11.40 -20.93
N MET B 357 -11.30 -11.94 -21.94
CA MET B 357 -9.92 -12.35 -21.78
C MET B 357 -9.05 -11.32 -22.51
N ARG B 358 -8.38 -10.47 -21.74
CA ARG B 358 -7.29 -9.66 -22.29
C ARG B 358 -6.00 -9.97 -21.56
N GLY B 359 -5.15 -10.80 -22.16
CA GLY B 359 -3.83 -11.13 -21.65
C GLY B 359 -3.76 -11.59 -20.20
N ALA B 360 -4.92 -11.83 -19.60
CA ALA B 360 -5.02 -12.05 -18.16
C ALA B 360 -5.29 -13.49 -17.67
N HIS B 361 -5.37 -14.45 -18.60
CA HIS B 361 -5.90 -15.80 -18.30
C HIS B 361 -5.34 -16.50 -17.06
N THR B 362 -4.06 -16.27 -16.77
CA THR B 362 -3.42 -16.92 -15.64
C THR B 362 -3.37 -16.02 -14.40
N ASN B 363 -3.83 -14.78 -14.52
CA ASN B 363 -3.62 -13.78 -13.47
C ASN B 363 -4.92 -13.09 -13.03
N ASP B 364 -5.34 -13.37 -11.79
CA ASP B 364 -6.56 -12.80 -11.22
C ASP B 364 -6.49 -11.29 -11.05
N VAL B 365 -5.34 -10.83 -10.58
CA VAL B 365 -5.17 -9.43 -10.20
C VAL B 365 -5.14 -8.54 -11.44
N LYS B 366 -4.53 -9.03 -12.52
CA LYS B 366 -4.54 -8.33 -13.79
C LYS B 366 -5.98 -8.18 -14.29
N GLN B 367 -6.74 -9.27 -14.16
CA GLN B 367 -8.14 -9.28 -14.55
C GLN B 367 -8.91 -8.21 -13.78
N LEU B 368 -8.82 -8.27 -12.46
CA LEU B 368 -9.50 -7.32 -11.59
C LEU B 368 -9.10 -5.88 -11.90
N THR B 369 -7.81 -5.65 -12.14
CA THR B 369 -7.31 -4.31 -12.44
C THR B 369 -7.92 -3.75 -13.73
N GLU B 370 -8.00 -4.61 -14.74
CA GLU B 370 -8.63 -4.24 -16.01
C GLU B 370 -10.13 -3.99 -15.85
N ALA B 371 -10.78 -4.81 -15.03
CA ALA B 371 -12.19 -4.64 -14.71
C ALA B 371 -12.42 -3.27 -14.06
N VAL B 372 -11.52 -2.90 -13.15
CA VAL B 372 -11.63 -1.65 -12.43
C VAL B 372 -11.46 -0.47 -13.38
N GLN B 373 -10.51 -0.59 -14.30
CA GLN B 373 -10.32 0.45 -15.29
C GLN B 373 -11.54 0.61 -16.20
N LYS B 374 -12.09 -0.52 -16.65
CA LYS B 374 -13.24 -0.48 -17.57
C LYS B 374 -14.47 0.10 -16.89
N ILE B 375 -14.74 -0.34 -15.68
CA ILE B 375 -15.86 0.19 -14.90
C ILE B 375 -15.68 1.68 -14.65
N THR B 376 -14.46 2.11 -14.35
CA THR B 376 -14.22 3.53 -14.12
C THR B 376 -14.47 4.36 -15.40
N THR B 377 -14.02 3.83 -16.54
CA THR B 377 -14.25 4.46 -17.83
C THR B 377 -15.74 4.64 -18.09
N GLU B 378 -16.49 3.55 -17.90
CA GLU B 378 -17.93 3.60 -18.10
C GLU B 378 -18.55 4.64 -17.17
N SER B 379 -18.08 4.67 -15.93
CA SER B 379 -18.63 5.57 -14.93
C SER B 379 -18.36 7.03 -15.29
N ILE B 380 -17.19 7.29 -15.87
CA ILE B 380 -16.83 8.62 -16.32
C ILE B 380 -17.72 9.05 -17.49
N VAL B 381 -17.95 8.12 -18.42
CA VAL B 381 -18.81 8.44 -19.55
C VAL B 381 -20.25 8.74 -19.12
N ILE B 382 -20.81 7.87 -18.30
CA ILE B 382 -22.17 8.07 -17.84
C ILE B 382 -22.34 9.25 -16.90
N TRP B 383 -21.66 9.25 -15.75
CA TRP B 383 -21.85 10.32 -14.77
C TRP B 383 -20.78 11.39 -14.68
N GLY B 384 -19.67 11.23 -15.41
CA GLY B 384 -18.60 12.21 -15.35
C GLY B 384 -17.76 12.19 -14.09
N LYS B 385 -17.80 11.09 -13.33
CA LYS B 385 -16.86 10.92 -12.23
C LYS B 385 -16.59 9.44 -11.95
N THR B 386 -15.80 9.17 -10.93
CA THR B 386 -15.31 7.81 -10.70
C THR B 386 -15.89 7.26 -9.42
N PRO B 387 -16.18 5.95 -9.41
CA PRO B 387 -16.76 5.31 -8.23
C PRO B 387 -15.72 4.94 -7.19
N LYS B 388 -16.16 4.80 -5.94
CA LYS B 388 -15.34 4.18 -4.91
C LYS B 388 -15.56 2.66 -4.97
N PHE B 389 -14.48 1.92 -5.23
CA PHE B 389 -14.59 0.47 -5.44
C PHE B 389 -14.52 -0.34 -4.16
N LYS B 390 -15.33 -1.39 -4.10
CA LYS B 390 -15.19 -2.41 -3.07
C LYS B 390 -14.63 -3.66 -3.75
N LEU B 391 -13.36 -3.95 -3.49
CA LEU B 391 -12.62 -4.99 -4.21
C LEU B 391 -12.57 -6.30 -3.45
N PRO B 392 -12.92 -7.42 -4.13
CA PRO B 392 -12.84 -8.74 -3.51
C PRO B 392 -11.39 -9.24 -3.53
N ILE B 393 -10.55 -8.60 -2.73
CA ILE B 393 -9.14 -8.95 -2.67
C ILE B 393 -8.55 -8.48 -1.33
N GLN B 394 -7.50 -9.15 -0.87
CA GLN B 394 -6.74 -8.68 0.29
C GLN B 394 -5.99 -7.40 -0.06
N LYS B 395 -5.95 -6.45 0.89
CA LYS B 395 -5.21 -5.20 0.70
C LYS B 395 -3.76 -5.40 0.23
N GLU B 396 -3.03 -6.31 0.88
CA GLU B 396 -1.61 -6.50 0.59
C GLU B 396 -1.36 -6.97 -0.85
N THR B 397 -2.20 -7.89 -1.32
CA THR B 397 -2.11 -8.38 -2.69
C THR B 397 -2.35 -7.28 -3.72
N TRP B 398 -3.46 -6.57 -3.58
CA TRP B 398 -3.82 -5.50 -4.50
C TRP B 398 -2.75 -4.42 -4.53
N GLU B 399 -2.42 -3.92 -3.34
CA GLU B 399 -1.41 -2.87 -3.18
C GLU B 399 -0.06 -3.28 -3.74
N THR B 400 0.26 -4.57 -3.66
CA THR B 400 1.52 -5.04 -4.24
C THR B 400 1.49 -5.03 -5.76
N TRP B 401 0.40 -5.52 -6.37
CA TRP B 401 0.40 -5.70 -7.83
C TRP B 401 -0.34 -4.74 -8.79
N TRP B 402 -1.18 -3.81 -8.32
CA TRP B 402 -2.07 -3.15 -9.28
C TRP B 402 -1.36 -2.19 -10.23
N THR B 403 -0.24 -1.61 -9.80
CA THR B 403 0.46 -0.63 -10.64
C THR B 403 1.15 -1.29 -11.82
N GLU B 404 1.30 -2.62 -11.78
CA GLU B 404 1.93 -3.34 -12.88
C GLU B 404 1.00 -3.44 -14.09
N TYR B 405 -0.30 -3.50 -13.82
CA TYR B 405 -1.31 -3.62 -14.87
C TYR B 405 -2.08 -2.35 -15.23
N TRP B 406 -1.73 -1.23 -14.60
CA TRP B 406 -2.52 -0.01 -14.75
C TRP B 406 -2.21 0.77 -16.03
N GLN B 407 -3.22 0.89 -16.88
CA GLN B 407 -3.10 1.64 -18.14
C GLN B 407 -3.73 3.02 -18.19
N ALA B 408 -4.37 3.44 -17.10
CA ALA B 408 -5.17 4.67 -17.15
C ALA B 408 -4.46 5.83 -16.47
N THR B 409 -4.75 7.04 -16.94
CA THR B 409 -4.09 8.23 -16.44
C THR B 409 -4.77 8.83 -15.21
N TRP B 410 -5.96 8.34 -14.86
CA TRP B 410 -6.54 8.65 -13.55
C TRP B 410 -6.43 7.44 -12.63
N ILE B 411 -6.76 7.63 -11.35
CA ILE B 411 -6.83 6.53 -10.39
C ILE B 411 -8.01 6.74 -9.46
N PRO B 412 -8.81 5.69 -9.23
CA PRO B 412 -9.96 5.83 -8.32
C PRO B 412 -9.64 5.47 -6.87
N GLU B 413 -10.67 5.57 -6.03
CA GLU B 413 -10.60 5.16 -4.63
C GLU B 413 -11.09 3.73 -4.52
N TRP B 414 -10.55 2.99 -3.56
CA TRP B 414 -11.00 1.63 -3.35
C TRP B 414 -10.91 1.21 -1.89
N GLU B 415 -11.74 0.24 -1.52
CA GLU B 415 -11.63 -0.40 -0.23
C GLU B 415 -11.65 -1.90 -0.49
N PHE B 416 -11.55 -2.70 0.57
CA PHE B 416 -11.36 -4.13 0.40
C PHE B 416 -12.40 -4.91 1.20
N VAL B 417 -12.94 -5.97 0.60
CA VAL B 417 -13.92 -6.79 1.28
C VAL B 417 -13.31 -8.17 1.58
N ASN B 418 -13.25 -8.48 2.87
CA ASN B 418 -12.62 -9.70 3.35
C ASN B 418 -13.57 -10.84 3.70
N THR B 419 -14.87 -10.57 3.64
CA THR B 419 -15.88 -11.57 3.95
C THR B 419 -16.66 -11.90 2.68
N PRO B 420 -16.65 -13.18 2.27
CA PRO B 420 -17.33 -13.50 1.00
C PRO B 420 -18.81 -13.14 1.04
N PRO B 421 -19.26 -12.34 0.06
CA PRO B 421 -20.69 -12.03 -0.06
C PRO B 421 -21.47 -13.18 -0.65
N LEU B 422 -22.71 -13.34 -0.19
CA LEU B 422 -23.64 -14.30 -0.76
C LEU B 422 -24.11 -13.87 -2.15
N VAL B 423 -24.20 -12.54 -2.34
CA VAL B 423 -24.78 -11.97 -3.56
C VAL B 423 -24.10 -12.42 -4.84
N LYS B 424 -22.87 -12.92 -4.72
CA LYS B 424 -22.14 -13.49 -5.85
C LYS B 424 -23.04 -14.45 -6.62
N LEU B 425 -23.62 -15.39 -5.87
CA LEU B 425 -24.48 -16.42 -6.43
C LEU B 425 -25.57 -15.84 -7.32
N TRP B 426 -26.12 -14.72 -6.90
CA TRP B 426 -27.31 -14.21 -7.53
C TRP B 426 -26.99 -13.35 -8.74
N TYR B 427 -25.74 -12.97 -8.91
CA TYR B 427 -25.39 -12.19 -10.09
C TYR B 427 -24.83 -13.07 -11.21
N GLN B 428 -24.85 -14.39 -10.96
CA GLN B 428 -24.71 -15.51 -11.93
C GLN B 428 -23.80 -16.60 -11.35
C7 9WI C . 25.71 2.54 2.42
C8 9WI C . 30.09 3.02 -0.40
C9 9WI C . 26.56 0.66 -3.21
C10 9WI C . 30.04 2.76 4.45
C11 9WI C . 27.81 2.58 4.67
C12 9WI C . 27.83 -0.41 -1.57
C18 9WI C . 30.50 -0.99 2.07
N2 9WI C . 27.28 -0.45 -2.82
N1 9WI C . 26.92 2.76 -0.21
C03 9WI C . 26.38 1.80 -2.41
C04 9WI C . 27.00 1.72 -1.16
N3 9WI C . 27.70 0.63 -0.77
N4 9WI C . 28.59 -1.51 -1.15
C13 9WI C . 31.33 -2.13 2.07
C02 9WI C . 31.26 -3.06 1.01
C15 9WI C . 30.37 -2.87 -0.05
C01 9WI C . 29.51 -1.73 -0.11
C17 9WI C . 29.61 -0.80 0.97
N5 9WI C . 33.02 -2.57 4.00
C19 9WI C . 32.26 -2.37 3.15
N19 9WI C . 29.66 2.50 7.86
C16 9WI C . 29.34 2.59 6.78
C14 9WI C . 28.99 2.65 5.37
N0W 9WI C . 28.10 2.67 3.31
C0X 9WI C . 27.20 2.66 2.25
C0V 9WI C . 29.47 2.79 3.17
C0Y 9WI C . 27.65 2.76 0.97
C0Z 9WI C . 29.08 2.88 0.77
C0C 9WI C . 29.99 2.90 1.85
S SO4 D . 0.66 -26.38 12.46
O1 SO4 D . -0.03 -26.32 11.17
O2 SO4 D . 1.89 -27.16 12.28
O3 SO4 D . -0.19 -27.02 13.47
O4 SO4 D . 0.98 -25.03 12.90
S SO4 E . -15.51 -21.72 20.82
O1 SO4 E . -15.97 -20.92 19.69
O2 SO4 E . -16.03 -23.08 20.69
O3 SO4 E . -16.00 -21.12 22.07
O4 SO4 E . -14.04 -21.76 20.85
MG MG F . 26.02 -14.08 16.63
MG MG G . -34.36 -20.96 11.00
MG MG H . 25.35 47.74 38.15
MG MG I . 5.38 -5.14 -8.62
N2 PUT J . 1.37 0.42 -4.66
C4 PUT J . 0.33 1.41 -4.34
C3 PUT J . -0.21 1.16 -2.93
C2 PUT J . -1.28 2.22 -2.61
C1 PUT J . -2.62 1.79 -3.21
N1 PUT J . -3.53 2.94 -3.23
#